data_3HDI
#
_entry.id   3HDI
#
_cell.length_a   91.141
_cell.length_b   193.981
_cell.length_c   125.567
_cell.angle_alpha   90.00
_cell.angle_beta   90.00
_cell.angle_gamma   90.00
#
_symmetry.space_group_name_H-M   'C 2 2 21'
#
loop_
_entity.id
_entity.type
_entity.pdbx_description
1 polymer 'Processing protease'
2 polymer 'Synthetic peptide'
3 non-polymer 'COBALT (II) ION'
4 non-polymer 'SULFATE ION'
5 water water
#
loop_
_entity_poly.entity_id
_entity_poly.type
_entity_poly.pdbx_seq_one_letter_code
_entity_poly.pdbx_strand_id
1 'polypeptide(L)'
;MINTMTLDNGVRIITEKMSTVRSVSIGIWVGTGSRYESAEENGISHFLEHMFFKGTNTRSAQEIAEFFDSIGGQVNAFTS
KEYTCYYAKVLDDHAGQAIDTLSDMFFHSTFQKEELEKERKVVFEEIKMVDDTPDDIVHDLLSSATYGKHSLGYPILGTV
ETLNSFNEGMLRHYMDRFYTGDYVVISVAGNVHDELIDKIKETFSQVKPTTYNYQGEKPMFLPNRIVRKKETEQAHLCLG
YPGLPIGDKDVYALVLLNNVLGGSMSSRLFQDIREKRGLCYSVFSYHSSFRDSGMLTIYAGTGHDQLDDLVYSIQETTSA
LAEKGLTEKELENGKEQLKGSLMLSLESTNSRMSRNGKNELLLKKHRSLDEMIEQINAVQKQDVSRLAKILLSASPSISL
INANGELPKALIHLEHHHHHH
;
A,B
2 'polypeptide(L)' AAAAAAAAAAAAAAAAA C,D
#
# COMPACT_ATOMS: atom_id res chain seq x y z
N ILE A 2 -5.68 -24.36 -14.54
CA ILE A 2 -6.02 -23.02 -15.13
C ILE A 2 -6.50 -23.18 -16.56
N ASN A 3 -7.81 -23.13 -16.74
CA ASN A 3 -8.40 -23.27 -18.06
C ASN A 3 -8.23 -21.96 -18.83
N THR A 4 -8.21 -22.06 -20.15
CA THR A 4 -8.09 -20.89 -21.01
C THR A 4 -9.12 -21.09 -22.12
N MET A 5 -9.58 -20.00 -22.72
CA MET A 5 -10.61 -20.10 -23.74
C MET A 5 -10.53 -18.92 -24.69
N THR A 6 -10.56 -19.18 -25.98
CA THR A 6 -10.51 -18.10 -26.96
C THR A 6 -11.80 -18.10 -27.74
N LEU A 7 -12.56 -17.02 -27.63
CA LEU A 7 -13.84 -16.88 -28.34
C LEU A 7 -13.55 -16.55 -29.79
N ASP A 8 -14.60 -16.41 -30.59
CA ASP A 8 -14.40 -16.12 -32.01
C ASP A 8 -13.94 -14.71 -32.35
N ASN A 9 -14.20 -13.76 -31.46
CA ASN A 9 -13.77 -12.37 -31.70
C ASN A 9 -12.32 -12.17 -31.27
N GLY A 10 -11.77 -13.16 -30.58
CA GLY A 10 -10.39 -13.06 -30.13
C GLY A 10 -10.26 -12.99 -28.63
N VAL A 11 -11.33 -12.56 -27.97
CA VAL A 11 -11.34 -12.46 -26.53
C VAL A 11 -10.96 -13.79 -25.88
N ARG A 12 -10.22 -13.71 -24.78
CA ARG A 12 -9.76 -14.88 -24.07
C ARG A 12 -10.26 -14.93 -22.66
N ILE A 13 -10.75 -16.09 -22.25
CA ILE A 13 -11.23 -16.27 -20.91
C ILE A 13 -10.28 -17.23 -20.20
N ILE A 14 -9.59 -16.75 -19.18
CA ILE A 14 -8.68 -17.61 -18.45
C ILE A 14 -9.24 -17.78 -17.05
N THR A 15 -9.47 -19.03 -16.66
CA THR A 15 -10.03 -19.30 -15.34
C THR A 15 -9.21 -20.24 -14.48
N GLU A 16 -9.42 -20.11 -13.17
CA GLU A 16 -8.74 -20.96 -12.19
C GLU A 16 -9.68 -21.15 -11.00
N LYS A 17 -10.13 -22.37 -10.79
CA LYS A 17 -11.02 -22.69 -9.69
C LYS A 17 -10.28 -23.07 -8.40
N MET A 18 -10.79 -22.57 -7.28
CA MET A 18 -10.21 -22.82 -5.97
C MET A 18 -11.36 -23.15 -5.04
N SER A 19 -11.43 -24.38 -4.57
CA SER A 19 -12.51 -24.77 -3.68
C SER A 19 -12.31 -24.24 -2.28
N THR A 20 -11.04 -24.15 -1.87
CA THR A 20 -10.70 -23.66 -0.55
C THR A 20 -11.27 -22.28 -0.24
N VAL A 21 -11.54 -21.48 -1.27
CA VAL A 21 -12.08 -20.14 -1.03
C VAL A 21 -13.59 -20.06 -1.23
N ARG A 22 -14.14 -18.89 -0.92
CA ARG A 22 -15.57 -18.65 -1.07
C ARG A 22 -15.75 -17.36 -1.87
N SER A 23 -14.63 -16.75 -2.22
CA SER A 23 -14.61 -15.51 -2.98
C SER A 23 -14.24 -15.76 -4.42
N VAL A 24 -14.10 -14.67 -5.18
CA VAL A 24 -13.74 -14.77 -6.57
C VAL A 24 -13.29 -13.42 -7.11
N SER A 25 -12.12 -13.40 -7.75
CA SER A 25 -11.58 -12.19 -8.32
C SER A 25 -11.88 -12.16 -9.80
N ILE A 26 -12.36 -11.01 -10.27
CA ILE A 26 -12.68 -10.86 -11.67
C ILE A 26 -11.82 -9.74 -12.19
N GLY A 27 -11.29 -9.94 -13.39
CA GLY A 27 -10.43 -8.94 -13.98
C GLY A 27 -10.66 -8.86 -15.47
N ILE A 28 -10.72 -7.63 -15.97
CA ILE A 28 -10.90 -7.37 -17.37
C ILE A 28 -9.58 -6.73 -17.74
N TRP A 29 -8.69 -7.51 -18.34
CA TRP A 29 -7.39 -7.01 -18.74
C TRP A 29 -7.37 -6.61 -20.21
N VAL A 30 -7.10 -5.33 -20.48
CA VAL A 30 -7.03 -4.86 -21.84
C VAL A 30 -5.58 -4.58 -22.19
N GLY A 31 -5.14 -5.12 -23.31
CA GLY A 31 -3.75 -4.97 -23.70
C GLY A 31 -3.26 -3.63 -24.22
N THR A 32 -3.73 -2.54 -23.64
CA THR A 32 -3.24 -1.24 -24.08
C THR A 32 -2.87 -0.37 -22.90
N GLY A 33 -1.99 0.60 -23.15
CA GLY A 33 -1.55 1.49 -22.10
C GLY A 33 -0.91 2.74 -22.68
N SER A 34 -0.29 3.55 -21.82
CA SER A 34 0.34 4.78 -22.27
C SER A 34 1.34 4.60 -23.40
N ARG A 35 1.83 3.38 -23.54
CA ARG A 35 2.80 3.09 -24.59
C ARG A 35 2.14 3.15 -25.98
N TYR A 36 0.91 2.69 -26.09
CA TYR A 36 0.19 2.68 -27.35
C TYR A 36 -0.42 4.01 -27.76
N GLU A 37 -0.26 5.02 -26.92
CA GLU A 37 -0.81 6.34 -27.22
C GLU A 37 0.15 7.12 -28.11
N SER A 38 -0.34 8.22 -28.67
CA SER A 38 0.45 9.07 -29.54
C SER A 38 0.49 10.46 -28.93
N ALA A 39 1.59 11.17 -29.16
CA ALA A 39 1.76 12.51 -28.62
C ALA A 39 0.46 13.17 -28.16
N GLU A 40 -0.39 13.54 -29.10
CA GLU A 40 -1.65 14.19 -28.80
C GLU A 40 -2.62 13.47 -27.85
N GLU A 41 -2.70 12.14 -27.94
CA GLU A 41 -3.63 11.40 -27.09
C GLU A 41 -3.03 10.81 -25.82
N ASN A 42 -1.87 11.33 -25.41
CA ASN A 42 -1.22 10.84 -24.18
C ASN A 42 -2.10 11.03 -22.94
N GLY A 43 -2.35 9.93 -22.24
CA GLY A 43 -3.16 9.99 -21.03
C GLY A 43 -4.56 9.48 -21.31
N ILE A 44 -4.83 9.25 -22.59
CA ILE A 44 -6.13 8.77 -23.06
C ILE A 44 -6.49 7.42 -22.43
N SER A 45 -5.50 6.54 -22.32
CA SER A 45 -5.67 5.21 -21.74
C SER A 45 -6.12 5.34 -20.29
N HIS A 46 -5.41 6.18 -19.53
CA HIS A 46 -5.75 6.40 -18.14
C HIS A 46 -7.07 7.16 -17.95
N PHE A 47 -7.39 8.07 -18.87
CA PHE A 47 -8.64 8.82 -18.75
C PHE A 47 -9.80 7.86 -18.98
N LEU A 48 -9.66 7.03 -20.00
CA LEU A 48 -10.68 6.06 -20.35
C LEU A 48 -11.00 5.16 -19.16
N GLU A 49 -9.97 4.80 -18.41
CA GLU A 49 -10.06 3.94 -17.23
C GLU A 49 -10.86 4.60 -16.12
N HIS A 50 -10.76 5.93 -16.01
CA HIS A 50 -11.51 6.66 -15.02
C HIS A 50 -12.94 6.82 -15.52
N MET A 51 -13.08 7.23 -16.78
CA MET A 51 -14.38 7.41 -17.41
C MET A 51 -15.26 6.16 -17.39
N PHE A 52 -14.66 4.98 -17.23
CA PHE A 52 -15.41 3.73 -17.20
C PHE A 52 -16.24 3.58 -15.95
N PHE A 53 -16.04 4.49 -15.00
CA PHE A 53 -16.75 4.46 -13.73
C PHE A 53 -17.71 5.65 -13.61
N LYS A 54 -17.81 6.46 -14.66
CA LYS A 54 -18.68 7.63 -14.61
C LYS A 54 -20.14 7.38 -14.95
N GLY A 55 -20.47 6.19 -15.46
CA GLY A 55 -21.87 5.90 -15.75
C GLY A 55 -22.23 5.26 -17.08
N THR A 56 -23.20 4.35 -17.03
CA THR A 56 -23.70 3.67 -18.23
C THR A 56 -25.14 4.15 -18.49
N ASN A 57 -25.78 3.54 -19.48
CA ASN A 57 -27.14 3.92 -19.84
C ASN A 57 -28.15 3.53 -18.77
N THR A 58 -27.80 2.59 -17.90
CA THR A 58 -28.72 2.15 -16.85
C THR A 58 -28.19 2.26 -15.41
N ARG A 59 -26.90 2.56 -15.30
CA ARG A 59 -26.25 2.72 -14.00
C ARG A 59 -25.48 4.03 -14.02
N SER A 60 -25.77 4.92 -13.07
CA SER A 60 -25.05 6.19 -13.02
C SER A 60 -23.77 6.01 -12.21
N ALA A 61 -22.92 7.03 -12.25
CA ALA A 61 -21.67 6.99 -11.52
C ALA A 61 -21.95 6.52 -10.09
N GLN A 62 -22.88 7.18 -9.41
CA GLN A 62 -23.22 6.83 -8.05
C GLN A 62 -23.78 5.43 -7.85
N GLU A 63 -24.58 4.97 -8.80
CA GLU A 63 -25.18 3.63 -8.70
C GLU A 63 -24.09 2.57 -8.84
N ILE A 64 -23.10 2.87 -9.68
CA ILE A 64 -21.97 1.97 -9.86
C ILE A 64 -21.28 1.87 -8.50
N ALA A 65 -21.01 3.02 -7.88
CA ALA A 65 -20.36 3.09 -6.57
C ALA A 65 -21.12 2.33 -5.51
N GLU A 66 -22.42 2.58 -5.43
CA GLU A 66 -23.26 1.92 -4.45
C GLU A 66 -23.22 0.40 -4.56
N PHE A 67 -23.25 -0.12 -5.79
CA PHE A 67 -23.21 -1.56 -6.03
C PHE A 67 -21.95 -2.22 -5.46
N PHE A 68 -20.79 -1.80 -5.96
CA PHE A 68 -19.51 -2.33 -5.51
C PHE A 68 -19.26 -2.15 -4.01
N ASP A 69 -19.95 -1.20 -3.39
CA ASP A 69 -19.77 -0.99 -1.98
C ASP A 69 -20.55 -2.04 -1.22
N SER A 70 -21.74 -2.37 -1.74
CA SER A 70 -22.60 -3.35 -1.10
C SER A 70 -22.05 -4.78 -1.17
N ILE A 71 -20.96 -4.97 -1.91
CA ILE A 71 -20.34 -6.30 -2.03
C ILE A 71 -18.90 -6.32 -1.49
N GLY A 72 -18.65 -5.46 -0.51
CA GLY A 72 -17.33 -5.40 0.08
C GLY A 72 -16.52 -4.17 -0.29
N GLY A 73 -16.71 -3.68 -1.50
CA GLY A 73 -15.99 -2.49 -1.92
C GLY A 73 -14.61 -2.78 -2.47
N GLN A 74 -14.33 -4.06 -2.74
CA GLN A 74 -13.04 -4.43 -3.29
C GLN A 74 -13.07 -4.46 -4.82
N VAL A 75 -13.00 -3.26 -5.38
CA VAL A 75 -12.99 -3.06 -6.82
C VAL A 75 -11.97 -1.98 -7.09
N ASN A 76 -11.16 -2.15 -8.12
CA ASN A 76 -10.17 -1.14 -8.42
C ASN A 76 -9.76 -1.21 -9.88
N ALA A 77 -9.15 -0.12 -10.36
CA ALA A 77 -8.73 -0.07 -11.75
C ALA A 77 -7.35 0.54 -11.86
N PHE A 78 -6.52 0.04 -12.75
CA PHE A 78 -5.22 0.64 -12.92
C PHE A 78 -4.71 0.55 -14.36
N THR A 79 -4.02 1.60 -14.77
CA THR A 79 -3.47 1.72 -16.11
C THR A 79 -1.95 1.65 -16.03
N SER A 80 -1.35 0.76 -16.82
CA SER A 80 0.09 0.64 -16.83
C SER A 80 0.57 1.14 -18.19
N LYS A 81 1.79 0.80 -18.58
CA LYS A 81 2.29 1.26 -19.87
C LYS A 81 1.85 0.39 -21.04
N GLU A 82 1.61 -0.90 -20.78
CA GLU A 82 1.19 -1.82 -21.84
C GLU A 82 -0.06 -2.64 -21.59
N TYR A 83 -0.86 -2.21 -20.62
CA TYR A 83 -2.10 -2.89 -20.30
C TYR A 83 -2.86 -2.04 -19.30
N THR A 84 -4.16 -2.28 -19.24
CA THR A 84 -5.06 -1.57 -18.34
C THR A 84 -5.86 -2.64 -17.60
N CYS A 85 -6.34 -2.32 -16.41
CA CYS A 85 -7.04 -3.35 -15.66
C CYS A 85 -8.25 -2.88 -14.86
N TYR A 86 -9.31 -3.68 -14.91
CA TYR A 86 -10.55 -3.40 -14.18
C TYR A 86 -10.83 -4.68 -13.41
N TYR A 87 -10.75 -4.64 -12.09
CA TYR A 87 -11.00 -5.86 -11.34
C TYR A 87 -11.80 -5.66 -10.08
N ALA A 88 -12.33 -6.76 -9.56
CA ALA A 88 -13.12 -6.72 -8.33
C ALA A 88 -13.09 -8.08 -7.65
N LYS A 89 -13.32 -8.06 -6.34
CA LYS A 89 -13.35 -9.28 -5.54
C LYS A 89 -14.72 -9.28 -4.85
N VAL A 90 -15.46 -10.38 -4.98
CA VAL A 90 -16.78 -10.52 -4.36
C VAL A 90 -16.98 -11.95 -3.89
N LEU A 91 -18.02 -12.15 -3.09
CA LEU A 91 -18.36 -13.47 -2.59
C LEU A 91 -19.13 -14.23 -3.68
N ASP A 92 -18.83 -15.51 -3.79
CA ASP A 92 -19.46 -16.40 -4.78
C ASP A 92 -20.87 -16.00 -5.21
N ASP A 93 -21.74 -15.73 -4.23
CA ASP A 93 -23.12 -15.37 -4.49
C ASP A 93 -23.39 -13.98 -5.07
N HIS A 94 -22.36 -13.34 -5.60
CA HIS A 94 -22.54 -12.01 -6.19
C HIS A 94 -21.72 -11.85 -7.46
N ALA A 95 -20.95 -12.89 -7.81
CA ALA A 95 -20.11 -12.84 -8.99
C ALA A 95 -20.94 -12.51 -10.23
N GLY A 96 -22.09 -13.17 -10.38
CA GLY A 96 -22.94 -12.90 -11.52
C GLY A 96 -23.20 -11.41 -11.67
N GLN A 97 -23.72 -10.82 -10.59
CA GLN A 97 -24.03 -9.40 -10.56
C GLN A 97 -22.78 -8.56 -10.84
N ALA A 98 -21.66 -8.95 -10.26
CA ALA A 98 -20.42 -8.22 -10.45
C ALA A 98 -20.06 -8.22 -11.94
N ILE A 99 -20.17 -9.38 -12.56
CA ILE A 99 -19.87 -9.51 -13.97
C ILE A 99 -20.84 -8.62 -14.78
N ASP A 100 -22.12 -8.61 -14.40
CA ASP A 100 -23.11 -7.80 -15.13
C ASP A 100 -22.76 -6.33 -15.06
N THR A 101 -22.35 -5.88 -13.87
CA THR A 101 -22.01 -4.48 -13.67
C THR A 101 -20.71 -4.13 -14.36
N LEU A 102 -19.71 -5.00 -14.24
CA LEU A 102 -18.43 -4.76 -14.88
C LEU A 102 -18.66 -4.78 -16.39
N SER A 103 -19.47 -5.72 -16.84
CA SER A 103 -19.76 -5.84 -18.26
C SER A 103 -20.43 -4.56 -18.78
N ASP A 104 -21.55 -4.19 -18.17
CA ASP A 104 -22.26 -3.00 -18.60
C ASP A 104 -21.38 -1.75 -18.61
N MET A 105 -20.40 -1.68 -17.73
CA MET A 105 -19.51 -0.53 -17.68
C MET A 105 -18.60 -0.56 -18.90
N PHE A 106 -18.15 -1.75 -19.25
CA PHE A 106 -17.25 -1.96 -20.37
C PHE A 106 -17.90 -1.63 -21.70
N PHE A 107 -19.09 -2.18 -21.93
CA PHE A 107 -19.80 -1.98 -23.18
C PHE A 107 -20.67 -0.71 -23.28
N HIS A 108 -21.60 -0.57 -22.34
CA HIS A 108 -22.55 0.51 -22.36
C HIS A 108 -22.26 1.81 -21.64
N SER A 109 -21.00 2.20 -21.53
CA SER A 109 -20.73 3.45 -20.83
C SER A 109 -21.25 4.65 -21.61
N THR A 110 -21.71 5.66 -20.88
CA THR A 110 -22.27 6.89 -21.43
C THR A 110 -21.33 8.06 -21.19
N PHE A 111 -20.35 8.28 -22.07
CA PHE A 111 -19.39 9.37 -21.84
C PHE A 111 -19.92 10.80 -21.86
N GLN A 112 -20.96 11.05 -21.05
CA GLN A 112 -21.59 12.36 -20.96
C GLN A 112 -20.60 13.48 -20.74
N LYS A 113 -20.75 14.57 -21.49
CA LYS A 113 -19.84 15.69 -21.37
C LYS A 113 -19.88 16.25 -19.96
N GLU A 114 -21.05 16.22 -19.35
CA GLU A 114 -21.21 16.74 -17.99
C GLU A 114 -20.25 15.98 -17.05
N GLU A 115 -20.36 14.65 -17.06
CA GLU A 115 -19.53 13.78 -16.24
C GLU A 115 -18.04 13.79 -16.65
N LEU A 116 -17.77 13.95 -17.93
CA LEU A 116 -16.40 13.96 -18.45
C LEU A 116 -15.65 15.26 -18.12
N GLU A 117 -16.36 16.38 -18.14
CA GLU A 117 -15.75 17.67 -17.81
C GLU A 117 -15.35 17.60 -16.34
N LYS A 118 -16.20 16.91 -15.61
CA LYS A 118 -16.06 16.70 -14.19
C LYS A 118 -14.83 15.83 -13.94
N GLU A 119 -14.83 14.61 -14.49
CA GLU A 119 -13.72 13.69 -14.31
C GLU A 119 -12.37 14.25 -14.73
N ARG A 120 -12.36 15.12 -15.73
CA ARG A 120 -11.11 15.72 -16.19
C ARG A 120 -10.44 16.45 -15.03
N LYS A 121 -11.25 17.07 -14.16
CA LYS A 121 -10.74 17.81 -12.99
C LYS A 121 -10.11 16.89 -11.94
N VAL A 122 -10.77 15.76 -11.69
CA VAL A 122 -10.26 14.78 -10.73
C VAL A 122 -8.89 14.31 -11.20
N VAL A 123 -8.78 13.99 -12.48
CA VAL A 123 -7.53 13.53 -13.02
C VAL A 123 -6.48 14.62 -12.90
N PHE A 124 -6.89 15.88 -13.00
CA PHE A 124 -5.94 16.98 -12.86
C PHE A 124 -5.44 17.04 -11.43
N GLU A 125 -6.28 16.66 -10.47
CA GLU A 125 -5.86 16.64 -9.08
C GLU A 125 -4.88 15.49 -8.92
N GLU A 126 -5.27 14.34 -9.46
CA GLU A 126 -4.44 13.13 -9.41
C GLU A 126 -3.03 13.46 -9.87
N ILE A 127 -2.91 14.20 -10.98
CA ILE A 127 -1.60 14.60 -11.48
C ILE A 127 -0.82 15.44 -10.44
N LYS A 128 -1.47 16.47 -9.91
CA LYS A 128 -0.83 17.35 -8.92
C LYS A 128 -0.45 16.60 -7.65
N MET A 129 -1.31 15.66 -7.25
CA MET A 129 -1.06 14.86 -6.07
C MET A 129 0.18 14.00 -6.26
N VAL A 130 0.29 13.36 -7.42
CA VAL A 130 1.45 12.54 -7.72
C VAL A 130 2.66 13.45 -7.76
N ASP A 131 2.43 14.72 -8.07
CA ASP A 131 3.51 15.68 -8.14
C ASP A 131 4.02 16.07 -6.75
N ASP A 132 3.10 16.17 -5.79
CA ASP A 132 3.47 16.51 -4.42
C ASP A 132 4.04 15.30 -3.68
N THR A 133 4.31 14.23 -4.42
CA THR A 133 4.89 13.03 -3.83
C THR A 133 6.23 12.82 -4.50
N PRO A 134 7.25 13.60 -4.09
CA PRO A 134 8.58 13.46 -4.68
C PRO A 134 9.09 12.03 -4.82
N ASP A 135 8.89 11.18 -3.81
CA ASP A 135 9.37 9.79 -3.89
C ASP A 135 8.65 8.94 -4.94
N ASP A 136 7.60 9.50 -5.54
CA ASP A 136 6.84 8.80 -6.55
C ASP A 136 7.03 9.37 -7.96
N ILE A 137 6.92 10.69 -8.08
CA ILE A 137 7.08 11.35 -9.37
C ILE A 137 8.51 11.15 -9.90
N VAL A 138 9.47 10.98 -8.99
CA VAL A 138 10.87 10.79 -9.37
C VAL A 138 11.03 9.55 -10.27
N HIS A 139 10.21 8.52 -10.06
CA HIS A 139 10.24 7.30 -10.86
C HIS A 139 9.72 7.57 -12.26
N ASP A 140 8.72 8.46 -12.36
CA ASP A 140 8.17 8.81 -13.66
C ASP A 140 9.22 9.59 -14.47
N LEU A 141 9.89 10.55 -13.85
CA LEU A 141 10.92 11.31 -14.55
C LEU A 141 11.99 10.37 -15.10
N LEU A 142 12.31 9.31 -14.36
CA LEU A 142 13.33 8.39 -14.84
C LEU A 142 12.94 7.80 -16.19
N SER A 143 11.65 7.57 -16.40
CA SER A 143 11.21 7.02 -17.69
C SER A 143 11.34 8.08 -18.79
N SER A 144 11.21 9.34 -18.41
CA SER A 144 11.32 10.42 -19.38
C SER A 144 12.77 10.63 -19.81
N ALA A 145 13.69 10.56 -18.85
CA ALA A 145 15.12 10.74 -19.12
C ALA A 145 15.69 9.54 -19.88
N THR A 146 15.12 8.36 -19.66
CA THR A 146 15.59 7.16 -20.32
C THR A 146 15.15 7.02 -21.78
N TYR A 147 13.90 7.36 -22.05
CA TYR A 147 13.39 7.20 -23.40
C TYR A 147 13.10 8.45 -24.21
N GLY A 148 13.36 9.62 -23.63
CA GLY A 148 13.12 10.85 -24.36
C GLY A 148 11.70 10.98 -24.89
N LYS A 149 11.58 11.05 -26.22
CA LYS A 149 10.28 11.23 -26.88
C LYS A 149 9.48 9.96 -27.16
N HIS A 150 10.01 8.79 -26.79
CA HIS A 150 9.27 7.55 -27.04
C HIS A 150 8.03 7.52 -26.15
N SER A 151 7.03 6.73 -26.53
CA SER A 151 5.82 6.64 -25.76
C SER A 151 6.05 6.05 -24.36
N LEU A 152 7.17 5.36 -24.19
CA LEU A 152 7.50 4.79 -22.89
C LEU A 152 7.94 5.89 -21.91
N GLY A 153 8.29 7.05 -22.46
CA GLY A 153 8.70 8.15 -21.63
C GLY A 153 7.51 9.03 -21.29
N TYR A 154 6.33 8.66 -21.74
CA TYR A 154 5.14 9.45 -21.45
C TYR A 154 4.63 9.13 -20.07
N PRO A 155 4.14 10.15 -19.35
CA PRO A 155 3.61 9.91 -18.01
C PRO A 155 2.23 9.27 -18.23
N ILE A 156 1.92 8.21 -17.50
CA ILE A 156 0.62 7.55 -17.67
C ILE A 156 -0.60 8.47 -17.50
N LEU A 157 -0.54 9.42 -16.56
CA LEU A 157 -1.64 10.35 -16.33
C LEU A 157 -1.79 11.41 -17.44
N GLY A 158 -0.76 11.52 -18.28
CA GLY A 158 -0.78 12.50 -19.35
C GLY A 158 -0.33 13.88 -18.87
N THR A 159 -0.70 14.91 -19.61
CA THR A 159 -0.36 16.28 -19.25
C THR A 159 -1.64 17.11 -19.21
N VAL A 160 -1.57 18.29 -18.61
CA VAL A 160 -2.74 19.14 -18.53
C VAL A 160 -3.20 19.54 -19.93
N GLU A 161 -2.24 19.71 -20.83
CA GLU A 161 -2.58 20.06 -22.20
C GLU A 161 -3.40 18.95 -22.84
N THR A 162 -2.79 17.80 -23.07
CA THR A 162 -3.51 16.69 -23.69
C THR A 162 -4.89 16.49 -23.06
N LEU A 163 -4.95 16.33 -21.73
CA LEU A 163 -6.24 16.12 -21.06
C LEU A 163 -7.31 17.14 -21.46
N ASN A 164 -6.91 18.39 -21.65
CA ASN A 164 -7.83 19.44 -22.03
C ASN A 164 -8.37 19.25 -23.45
N SER A 165 -7.65 18.50 -24.25
CA SER A 165 -8.06 18.24 -25.62
C SER A 165 -9.01 17.05 -25.67
N PHE A 166 -8.96 16.23 -24.62
CA PHE A 166 -9.78 15.04 -24.53
C PHE A 166 -11.28 15.27 -24.57
N ASN A 167 -11.98 14.40 -25.30
CA ASN A 167 -13.44 14.45 -25.37
C ASN A 167 -13.98 13.07 -25.78
N GLU A 168 -15.30 12.91 -25.68
CA GLU A 168 -15.95 11.66 -26.03
C GLU A 168 -15.47 11.12 -27.38
N GLY A 169 -15.12 12.02 -28.29
CA GLY A 169 -14.67 11.61 -29.60
C GLY A 169 -13.36 10.85 -29.54
N MET A 170 -12.37 11.47 -28.92
CA MET A 170 -11.06 10.84 -28.80
C MET A 170 -11.17 9.51 -28.06
N LEU A 171 -11.97 9.52 -27.00
CA LEU A 171 -12.19 8.33 -26.19
C LEU A 171 -12.71 7.17 -27.01
N ARG A 172 -13.82 7.38 -27.71
CA ARG A 172 -14.39 6.32 -28.50
C ARG A 172 -13.50 5.91 -29.66
N HIS A 173 -12.84 6.88 -30.29
CA HIS A 173 -11.96 6.57 -31.41
C HIS A 173 -10.85 5.63 -30.97
N TYR A 174 -10.35 5.86 -29.77
CA TYR A 174 -9.27 5.06 -29.19
C TYR A 174 -9.85 3.73 -28.69
N MET A 175 -10.96 3.80 -27.96
CA MET A 175 -11.59 2.60 -27.44
C MET A 175 -11.93 1.62 -28.56
N ASP A 176 -12.33 2.17 -29.70
CA ASP A 176 -12.69 1.32 -30.84
C ASP A 176 -11.50 0.56 -31.40
N ARG A 177 -10.35 1.21 -31.48
CA ARG A 177 -9.16 0.56 -32.01
C ARG A 177 -8.57 -0.47 -31.04
N PHE A 178 -8.39 -0.08 -29.78
CA PHE A 178 -7.76 -0.97 -28.82
C PHE A 178 -8.63 -1.86 -27.92
N TYR A 179 -9.84 -1.45 -27.59
CA TYR A 179 -10.68 -2.29 -26.72
C TYR A 179 -11.39 -3.33 -27.56
N THR A 180 -10.58 -4.14 -28.24
CA THR A 180 -11.11 -5.17 -29.12
C THR A 180 -10.56 -6.59 -28.92
N GLY A 181 -11.16 -7.52 -29.65
CA GLY A 181 -10.80 -8.92 -29.56
C GLY A 181 -9.39 -9.38 -29.18
N ASP A 182 -8.40 -8.93 -29.94
CA ASP A 182 -7.03 -9.32 -29.68
C ASP A 182 -6.47 -8.77 -28.38
N TYR A 183 -7.09 -7.72 -27.86
CA TYR A 183 -6.60 -7.10 -26.64
C TYR A 183 -7.31 -7.43 -25.35
N VAL A 184 -8.51 -7.98 -25.43
CA VAL A 184 -9.27 -8.29 -24.22
C VAL A 184 -9.06 -9.68 -23.64
N VAL A 185 -8.78 -9.72 -22.35
CA VAL A 185 -8.59 -10.98 -21.64
C VAL A 185 -9.37 -10.95 -20.33
N ILE A 186 -10.22 -11.95 -20.11
CA ILE A 186 -10.96 -11.97 -18.87
C ILE A 186 -10.37 -13.01 -17.95
N SER A 187 -9.98 -12.59 -16.75
CA SER A 187 -9.39 -13.53 -15.80
C SER A 187 -10.28 -13.72 -14.59
N VAL A 188 -10.58 -14.97 -14.26
CA VAL A 188 -11.42 -15.25 -13.10
C VAL A 188 -10.73 -16.30 -12.24
N ALA A 189 -10.63 -16.03 -10.93
CA ALA A 189 -10.00 -16.98 -10.04
C ALA A 189 -10.80 -17.08 -8.75
N GLY A 190 -10.77 -18.25 -8.14
CA GLY A 190 -11.50 -18.44 -6.91
C GLY A 190 -12.52 -19.55 -6.99
N ASN A 191 -13.67 -19.33 -6.36
CA ASN A 191 -14.76 -20.31 -6.31
C ASN A 191 -15.73 -20.06 -7.45
N VAL A 192 -15.28 -20.37 -8.66
CA VAL A 192 -16.06 -20.19 -9.87
C VAL A 192 -16.90 -21.38 -10.31
N HIS A 193 -18.12 -21.09 -10.74
CA HIS A 193 -19.06 -22.10 -11.21
C HIS A 193 -19.30 -21.86 -12.70
N ASP A 194 -19.39 -22.94 -13.47
CA ASP A 194 -19.58 -22.87 -14.91
C ASP A 194 -20.62 -21.83 -15.33
N GLU A 195 -21.72 -21.77 -14.60
CA GLU A 195 -22.78 -20.80 -14.87
C GLU A 195 -22.14 -19.45 -15.21
N LEU A 196 -21.45 -18.92 -14.21
CA LEU A 196 -20.75 -17.64 -14.28
C LEU A 196 -19.82 -17.56 -15.49
N ILE A 197 -19.07 -18.64 -15.73
CA ILE A 197 -18.14 -18.68 -16.85
C ILE A 197 -18.86 -18.54 -18.18
N ASP A 198 -19.99 -19.25 -18.32
CA ASP A 198 -20.77 -19.17 -19.54
C ASP A 198 -21.38 -17.78 -19.66
N LYS A 199 -21.74 -17.19 -18.51
CA LYS A 199 -22.28 -15.83 -18.52
C LYS A 199 -21.22 -14.92 -19.12
N ILE A 200 -19.97 -15.09 -18.66
CA ILE A 200 -18.85 -14.31 -19.16
C ILE A 200 -18.69 -14.56 -20.67
N LYS A 201 -18.71 -15.83 -21.05
CA LYS A 201 -18.58 -16.22 -22.45
C LYS A 201 -19.63 -15.49 -23.29
N GLU A 202 -20.89 -15.68 -22.94
CA GLU A 202 -22.03 -15.06 -23.62
C GLU A 202 -21.92 -13.55 -23.76
N THR A 203 -21.57 -12.89 -22.67
CA THR A 203 -21.45 -11.44 -22.64
C THR A 203 -20.30 -10.85 -23.45
N PHE A 204 -19.10 -11.38 -23.28
CA PHE A 204 -17.94 -10.86 -23.99
C PHE A 204 -17.76 -11.30 -25.43
N SER A 205 -18.83 -11.83 -26.00
CA SER A 205 -18.84 -12.23 -27.40
C SER A 205 -19.10 -10.93 -28.15
N GLN A 206 -19.82 -10.03 -27.49
CA GLN A 206 -20.16 -8.72 -28.06
C GLN A 206 -18.92 -7.94 -28.46
N VAL A 207 -17.76 -8.32 -27.91
CA VAL A 207 -16.52 -7.61 -28.23
C VAL A 207 -16.23 -7.73 -29.72
N LYS A 208 -16.11 -6.59 -30.39
CA LYS A 208 -15.82 -6.57 -31.82
C LYS A 208 -14.42 -7.09 -32.12
N PRO A 209 -14.28 -7.86 -33.21
CA PRO A 209 -12.97 -8.41 -33.61
C PRO A 209 -11.96 -7.29 -33.82
N THR A 210 -10.69 -7.56 -33.52
CA THR A 210 -9.68 -6.54 -33.72
C THR A 210 -9.37 -6.42 -35.21
N THR A 211 -9.54 -5.22 -35.74
CA THR A 211 -9.29 -4.96 -37.15
C THR A 211 -8.12 -4.02 -37.34
N TYR A 212 -7.83 -3.18 -36.36
CA TYR A 212 -6.73 -2.22 -36.43
C TYR A 212 -5.35 -2.85 -36.21
N ASN A 213 -4.45 -2.62 -37.15
CA ASN A 213 -3.10 -3.14 -37.06
C ASN A 213 -2.21 -2.08 -36.45
N TYR A 214 -1.82 -2.29 -35.20
CA TYR A 214 -0.97 -1.36 -34.48
C TYR A 214 0.50 -1.55 -34.82
N GLN A 215 1.16 -0.45 -35.19
CA GLN A 215 2.56 -0.47 -35.55
C GLN A 215 3.35 0.19 -34.43
N GLY A 216 4.22 -0.59 -33.78
CA GLY A 216 5.01 -0.07 -32.69
C GLY A 216 6.50 0.01 -32.96
N GLU A 217 7.08 1.16 -32.65
CA GLU A 217 8.50 1.39 -32.83
C GLU A 217 9.25 0.92 -31.58
N LYS A 218 10.51 0.56 -31.75
CA LYS A 218 11.35 0.10 -30.65
C LYS A 218 12.05 1.29 -29.99
N PRO A 219 12.21 1.25 -28.67
CA PRO A 219 12.85 2.34 -27.92
C PRO A 219 14.38 2.27 -27.81
N MET A 220 14.98 3.42 -27.56
CA MET A 220 16.42 3.51 -27.41
C MET A 220 16.69 3.99 -25.99
N PHE A 221 17.55 3.28 -25.28
CA PHE A 221 17.89 3.63 -23.92
C PHE A 221 19.04 4.62 -23.93
N LEU A 222 18.90 5.74 -23.23
CA LEU A 222 19.99 6.70 -23.16
C LEU A 222 20.23 7.16 -21.72
N PRO A 223 21.49 7.22 -21.29
CA PRO A 223 21.87 7.64 -19.93
C PRO A 223 21.69 9.14 -19.67
N ASN A 224 20.53 9.69 -20.02
CA ASN A 224 20.28 11.11 -19.82
C ASN A 224 19.88 11.41 -18.37
N ARG A 225 19.87 12.69 -18.01
CA ARG A 225 19.54 13.11 -16.66
C ARG A 225 18.44 14.15 -16.56
N ILE A 226 17.58 13.99 -15.58
CA ILE A 226 16.51 14.95 -15.32
C ILE A 226 16.64 15.34 -13.86
N VAL A 227 16.56 16.64 -13.59
CA VAL A 227 16.65 17.11 -12.22
C VAL A 227 15.49 18.08 -12.04
N ARG A 228 14.96 18.13 -10.83
CA ARG A 228 13.86 19.03 -10.54
C ARG A 228 14.09 19.73 -9.22
N LYS A 229 13.99 21.05 -9.25
CA LYS A 229 14.19 21.83 -8.04
C LYS A 229 12.87 21.94 -7.29
N LYS A 230 12.85 21.38 -6.09
CA LYS A 230 11.67 21.41 -5.23
C LYS A 230 12.11 21.46 -3.78
N GLU A 231 11.30 22.12 -2.95
CA GLU A 231 11.58 22.27 -1.53
C GLU A 231 11.31 20.98 -0.76
N THR A 232 12.36 20.19 -0.54
CA THR A 232 12.20 18.93 0.17
C THR A 232 13.31 18.73 1.21
N GLU A 233 13.12 17.75 2.09
CA GLU A 233 14.09 17.44 3.13
C GLU A 233 15.13 16.47 2.57
N GLN A 234 14.66 15.48 1.82
CA GLN A 234 15.52 14.49 1.22
C GLN A 234 15.73 14.72 -0.26
N ALA A 235 16.77 14.07 -0.77
CA ALA A 235 17.09 14.12 -2.18
C ALA A 235 16.54 12.81 -2.69
N HIS A 236 15.58 12.88 -3.61
CA HIS A 236 15.01 11.67 -4.13
C HIS A 236 15.77 11.32 -5.40
N LEU A 237 16.33 10.12 -5.42
CA LEU A 237 17.14 9.71 -6.55
C LEU A 237 16.78 8.38 -7.18
N CYS A 238 16.91 8.31 -8.50
CA CYS A 238 16.64 7.10 -9.27
C CYS A 238 17.73 6.88 -10.32
N LEU A 239 18.12 5.63 -10.52
CA LEU A 239 19.13 5.29 -11.49
C LEU A 239 18.53 4.19 -12.35
N GLY A 240 18.70 4.30 -13.66
CA GLY A 240 18.14 3.29 -14.52
C GLY A 240 19.20 2.56 -15.31
N TYR A 241 19.03 1.25 -15.42
CA TYR A 241 19.97 0.43 -16.17
C TYR A 241 19.14 -0.37 -17.15
N PRO A 242 19.71 -0.70 -18.32
CA PRO A 242 18.93 -1.48 -19.28
C PRO A 242 18.48 -2.80 -18.67
N GLY A 243 17.31 -3.27 -19.08
CA GLY A 243 16.78 -4.52 -18.56
C GLY A 243 16.48 -5.48 -19.71
N LEU A 244 15.50 -6.36 -19.53
CA LEU A 244 15.14 -7.31 -20.57
C LEU A 244 13.67 -7.14 -20.95
N PRO A 245 13.31 -7.53 -22.18
CA PRO A 245 11.92 -7.40 -22.61
C PRO A 245 11.13 -8.65 -22.17
N ILE A 246 9.88 -8.42 -21.75
CA ILE A 246 8.97 -9.46 -21.26
C ILE A 246 9.20 -10.88 -21.77
N GLY A 247 9.22 -11.04 -23.10
CA GLY A 247 9.41 -12.36 -23.66
C GLY A 247 10.72 -13.03 -23.31
N ASP A 248 11.78 -12.24 -23.24
CA ASP A 248 13.12 -12.75 -22.96
C ASP A 248 13.16 -14.02 -22.12
N LYS A 249 14.03 -14.94 -22.54
CA LYS A 249 14.20 -16.21 -21.85
C LYS A 249 14.91 -16.03 -20.52
N ASP A 250 15.79 -15.05 -20.43
CA ASP A 250 16.52 -14.81 -19.20
C ASP A 250 15.86 -13.89 -18.19
N VAL A 251 14.52 -13.96 -18.11
CA VAL A 251 13.77 -13.13 -17.17
C VAL A 251 13.94 -13.62 -15.74
N TYR A 252 13.92 -14.93 -15.53
CA TYR A 252 14.09 -15.45 -14.19
C TYR A 252 15.47 -15.05 -13.68
N ALA A 253 16.41 -14.93 -14.62
CA ALA A 253 17.78 -14.53 -14.30
C ALA A 253 17.78 -13.10 -13.77
N LEU A 254 16.97 -12.24 -14.40
CA LEU A 254 16.87 -10.84 -14.01
C LEU A 254 16.14 -10.73 -12.68
N VAL A 255 15.11 -11.55 -12.50
CA VAL A 255 14.36 -11.52 -11.26
C VAL A 255 15.33 -11.75 -10.10
N LEU A 256 16.12 -12.82 -10.20
CA LEU A 256 17.10 -13.16 -9.17
C LEU A 256 18.17 -12.09 -9.02
N LEU A 257 18.58 -11.49 -10.14
CA LEU A 257 19.58 -10.44 -10.13
C LEU A 257 19.08 -9.18 -9.42
N ASN A 258 17.78 -8.89 -9.55
CA ASN A 258 17.24 -7.72 -8.90
C ASN A 258 17.09 -7.99 -7.42
N ASN A 259 16.78 -9.25 -7.09
CA ASN A 259 16.61 -9.63 -5.71
C ASN A 259 17.90 -9.41 -4.93
N VAL A 260 19.02 -9.74 -5.58
CA VAL A 260 20.32 -9.59 -4.96
C VAL A 260 20.72 -8.13 -4.87
N LEU A 261 20.35 -7.36 -5.90
CA LEU A 261 20.69 -5.94 -5.97
C LEU A 261 20.05 -5.08 -4.88
N GLY A 262 18.73 -4.99 -4.89
CA GLY A 262 18.02 -4.20 -3.90
C GLY A 262 16.57 -4.62 -3.76
N GLY A 263 16.29 -5.87 -4.11
CA GLY A 263 14.93 -6.37 -4.04
C GLY A 263 14.55 -7.11 -2.77
N SER A 264 15.32 -6.93 -1.71
CA SER A 264 15.04 -7.61 -0.46
C SER A 264 15.86 -7.02 0.66
N MET A 265 15.77 -7.62 1.84
CA MET A 265 16.52 -7.16 2.99
C MET A 265 17.98 -7.57 2.87
N SER A 266 18.20 -8.79 2.41
CA SER A 266 19.55 -9.30 2.25
C SER A 266 20.21 -8.77 0.98
N SER A 267 19.49 -7.97 0.22
CA SER A 267 20.01 -7.39 -1.02
C SER A 267 21.22 -6.50 -0.72
N ARG A 268 22.13 -6.42 -1.69
CA ARG A 268 23.35 -5.62 -1.55
C ARG A 268 23.06 -4.19 -1.12
N LEU A 269 22.13 -3.54 -1.80
CA LEU A 269 21.80 -2.15 -1.49
C LEU A 269 21.22 -1.93 -0.11
N PHE A 270 20.35 -2.83 0.34
CA PHE A 270 19.75 -2.65 1.65
C PHE A 270 20.82 -2.80 2.73
N GLN A 271 21.72 -3.75 2.54
CA GLN A 271 22.78 -3.95 3.51
C GLN A 271 23.87 -2.87 3.43
N ASP A 272 24.43 -2.66 2.23
CA ASP A 272 25.48 -1.67 2.05
C ASP A 272 25.04 -0.23 2.32
N ILE A 273 23.96 0.20 1.69
CA ILE A 273 23.48 1.58 1.83
C ILE A 273 22.67 1.90 3.08
N ARG A 274 21.81 0.98 3.52
CA ARG A 274 20.99 1.28 4.69
C ARG A 274 21.46 0.71 6.03
N GLU A 275 21.56 -0.60 6.11
CA GLU A 275 21.96 -1.28 7.34
C GLU A 275 23.35 -0.82 7.82
N LYS A 276 24.32 -0.76 6.92
CA LYS A 276 25.69 -0.36 7.28
C LYS A 276 25.99 1.15 7.31
N ARG A 277 25.60 1.88 6.27
CA ARG A 277 25.87 3.32 6.23
C ARG A 277 24.80 4.19 6.91
N GLY A 278 23.58 3.68 7.02
CA GLY A 278 22.51 4.45 7.64
C GLY A 278 22.16 5.68 6.80
N LEU A 279 22.41 5.56 5.50
CA LEU A 279 22.16 6.64 4.55
C LEU A 279 20.70 6.76 4.16
N CYS A 280 20.07 5.64 3.84
CA CYS A 280 18.68 5.67 3.42
C CYS A 280 17.76 4.79 4.22
N TYR A 281 16.55 5.31 4.47
CA TYR A 281 15.50 4.56 5.16
C TYR A 281 14.91 3.69 4.05
N SER A 282 14.80 4.28 2.87
CA SER A 282 14.28 3.60 1.70
C SER A 282 15.27 3.54 0.52
N VAL A 283 15.65 2.32 0.16
CA VAL A 283 16.53 2.06 -0.97
C VAL A 283 16.11 0.70 -1.46
N PHE A 284 15.86 0.59 -2.75
CA PHE A 284 15.43 -0.66 -3.32
C PHE A 284 15.59 -0.62 -4.82
N SER A 285 15.38 -1.76 -5.46
CA SER A 285 15.48 -1.87 -6.89
C SER A 285 14.31 -2.68 -7.40
N TYR A 286 13.98 -2.47 -8.67
CA TYR A 286 12.88 -3.20 -9.30
C TYR A 286 13.13 -3.19 -10.79
N HIS A 287 12.47 -4.09 -11.51
CA HIS A 287 12.66 -4.16 -12.95
C HIS A 287 11.35 -3.95 -13.71
N SER A 288 11.45 -3.30 -14.85
CA SER A 288 10.28 -3.07 -15.68
C SER A 288 10.54 -3.72 -17.03
N SER A 289 9.72 -4.69 -17.38
CA SER A 289 9.89 -5.40 -18.66
C SER A 289 8.75 -5.08 -19.60
N PHE A 290 9.09 -4.69 -20.82
CA PHE A 290 8.09 -4.35 -21.81
C PHE A 290 8.14 -5.30 -23.02
N ARG A 291 7.50 -4.91 -24.11
CA ARG A 291 7.45 -5.75 -25.32
C ARG A 291 8.81 -5.90 -25.98
N ASP A 292 9.40 -4.76 -26.31
CA ASP A 292 10.69 -4.71 -26.97
C ASP A 292 11.83 -4.31 -26.05
N SER A 293 11.52 -3.52 -25.02
CA SER A 293 12.54 -3.05 -24.08
C SER A 293 12.32 -3.55 -22.65
N GLY A 294 13.15 -3.05 -21.73
CA GLY A 294 13.07 -3.41 -20.33
C GLY A 294 14.12 -2.62 -19.58
N MET A 295 14.08 -2.62 -18.24
CA MET A 295 15.07 -1.88 -17.46
C MET A 295 15.03 -2.08 -15.95
N LEU A 296 16.21 -2.07 -15.36
CA LEU A 296 16.41 -2.26 -13.93
C LEU A 296 16.44 -0.88 -13.28
N THR A 297 15.72 -0.70 -12.19
CA THR A 297 15.67 0.61 -11.53
C THR A 297 16.06 0.58 -10.05
N ILE A 298 16.81 1.60 -9.62
CA ILE A 298 17.20 1.71 -8.22
C ILE A 298 16.67 3.04 -7.67
N TYR A 299 16.07 3.00 -6.49
CA TYR A 299 15.57 4.21 -5.86
C TYR A 299 16.29 4.39 -4.54
N ALA A 300 16.49 5.63 -4.15
CA ALA A 300 17.14 5.93 -2.90
C ALA A 300 16.80 7.36 -2.49
N GLY A 301 16.75 7.59 -1.19
CA GLY A 301 16.46 8.92 -0.72
C GLY A 301 17.26 9.17 0.53
N THR A 302 17.98 10.28 0.55
CA THR A 302 18.78 10.64 1.71
C THR A 302 18.74 12.14 1.90
N GLY A 303 19.19 12.59 3.07
CA GLY A 303 19.21 14.02 3.32
C GLY A 303 20.13 14.64 2.30
N HIS A 304 19.78 15.84 1.85
CA HIS A 304 20.55 16.57 0.84
C HIS A 304 22.05 16.52 1.08
N ASP A 305 22.46 16.98 2.26
CA ASP A 305 23.86 17.00 2.65
C ASP A 305 24.59 15.66 2.44
N GLN A 306 23.85 14.59 2.14
CA GLN A 306 24.49 13.29 1.96
C GLN A 306 24.36 12.74 0.55
N LEU A 307 23.79 13.51 -0.36
CA LEU A 307 23.60 13.02 -1.73
C LEU A 307 24.84 12.51 -2.44
N ASP A 308 25.93 13.29 -2.42
CA ASP A 308 27.16 12.87 -3.09
C ASP A 308 27.69 11.55 -2.54
N ASP A 309 27.56 11.36 -1.24
CA ASP A 309 28.03 10.13 -0.62
C ASP A 309 27.17 8.93 -1.03
N LEU A 310 25.87 9.15 -1.17
CA LEU A 310 24.92 8.11 -1.57
C LEU A 310 25.21 7.60 -2.98
N VAL A 311 25.47 8.52 -3.90
CA VAL A 311 25.76 8.16 -5.27
C VAL A 311 27.03 7.28 -5.34
N TYR A 312 28.05 7.68 -4.58
CA TYR A 312 29.30 6.93 -4.54
C TYR A 312 29.05 5.54 -3.95
N SER A 313 28.42 5.51 -2.78
CA SER A 313 28.12 4.25 -2.10
C SER A 313 27.33 3.29 -3.00
N ILE A 314 26.35 3.82 -3.75
CA ILE A 314 25.54 3.00 -4.64
C ILE A 314 26.40 2.52 -5.79
N GLN A 315 27.26 3.41 -6.26
CA GLN A 315 28.17 3.13 -7.35
C GLN A 315 29.04 1.92 -7.00
N GLU A 316 29.60 1.95 -5.80
CA GLU A 316 30.44 0.87 -5.31
C GLU A 316 29.64 -0.42 -5.29
N THR A 317 28.41 -0.36 -4.78
CA THR A 317 27.57 -1.55 -4.70
C THR A 317 27.26 -2.13 -6.08
N THR A 318 26.89 -1.27 -7.04
CA THR A 318 26.57 -1.74 -8.39
C THR A 318 27.77 -2.24 -9.18
N SER A 319 28.98 -1.89 -8.73
CA SER A 319 30.19 -2.32 -9.42
C SER A 319 30.61 -3.73 -9.03
N ALA A 320 30.80 -3.96 -7.73
CA ALA A 320 31.20 -5.25 -7.21
C ALA A 320 30.16 -6.32 -7.57
N LEU A 321 29.01 -5.87 -8.02
CA LEU A 321 27.96 -6.79 -8.42
C LEU A 321 28.14 -7.09 -9.90
N ALA A 322 28.24 -6.04 -10.69
CA ALA A 322 28.42 -6.18 -12.13
C ALA A 322 29.73 -6.87 -12.47
N GLU A 323 30.76 -6.61 -11.66
CA GLU A 323 32.09 -7.19 -11.85
C GLU A 323 32.26 -8.63 -11.35
N LYS A 324 32.19 -8.79 -10.04
CA LYS A 324 32.37 -10.10 -9.40
C LYS A 324 31.15 -11.02 -9.49
N GLY A 325 29.96 -10.45 -9.49
CA GLY A 325 28.75 -11.26 -9.59
C GLY A 325 28.14 -11.74 -8.28
N LEU A 326 27.40 -12.83 -8.40
CA LEU A 326 26.70 -13.47 -7.28
C LEU A 326 27.54 -14.49 -6.53
N THR A 327 27.03 -14.95 -5.39
CA THR A 327 27.71 -15.98 -4.62
C THR A 327 26.73 -17.16 -4.64
N GLU A 328 27.18 -18.34 -4.26
CA GLU A 328 26.30 -19.50 -4.28
C GLU A 328 25.22 -19.44 -3.22
N LYS A 329 25.56 -18.85 -2.08
CA LYS A 329 24.63 -18.71 -0.96
C LYS A 329 23.53 -17.72 -1.32
N GLU A 330 23.92 -16.65 -2.00
CA GLU A 330 22.99 -15.62 -2.42
C GLU A 330 22.01 -16.12 -3.48
N LEU A 331 22.52 -16.83 -4.47
CA LEU A 331 21.69 -17.38 -5.53
C LEU A 331 20.59 -18.26 -4.95
N GLU A 332 20.95 -19.11 -4.00
CA GLU A 332 19.95 -19.98 -3.40
C GLU A 332 19.00 -19.20 -2.49
N ASN A 333 19.53 -18.21 -1.79
CA ASN A 333 18.69 -17.40 -0.90
C ASN A 333 17.63 -16.73 -1.78
N GLY A 334 18.06 -16.28 -2.95
CA GLY A 334 17.15 -15.64 -3.87
C GLY A 334 16.04 -16.60 -4.27
N LYS A 335 16.43 -17.83 -4.62
CA LYS A 335 15.46 -18.84 -5.01
C LYS A 335 14.49 -19.20 -3.90
N GLU A 336 15.01 -19.40 -2.69
CA GLU A 336 14.16 -19.75 -1.54
C GLU A 336 13.08 -18.69 -1.36
N GLN A 337 13.47 -17.43 -1.55
CA GLN A 337 12.57 -16.29 -1.41
C GLN A 337 11.49 -16.34 -2.48
N LEU A 338 11.91 -16.34 -3.74
CA LEU A 338 10.98 -16.38 -4.86
C LEU A 338 9.98 -17.52 -4.74
N LYS A 339 10.49 -18.71 -4.47
CA LYS A 339 9.63 -19.86 -4.33
C LYS A 339 8.72 -19.66 -3.14
N GLY A 340 9.29 -19.17 -2.05
CA GLY A 340 8.51 -18.95 -0.85
C GLY A 340 7.37 -17.97 -0.99
N SER A 341 7.64 -16.82 -1.59
CA SER A 341 6.61 -15.82 -1.76
C SER A 341 5.54 -16.34 -2.71
N LEU A 342 5.97 -16.95 -3.80
CA LEU A 342 5.07 -17.51 -4.79
C LEU A 342 4.11 -18.51 -4.15
N MET A 343 4.65 -19.38 -3.31
CA MET A 343 3.85 -20.39 -2.62
C MET A 343 2.81 -19.71 -1.74
N LEU A 344 3.26 -18.69 -1.02
CA LEU A 344 2.40 -17.93 -0.12
C LEU A 344 1.29 -17.15 -0.82
N SER A 345 1.53 -16.76 -2.08
CA SER A 345 0.53 -16.00 -2.83
C SER A 345 -0.63 -16.87 -3.32
N LEU A 346 -0.46 -18.19 -3.28
CA LEU A 346 -1.50 -19.12 -3.74
C LEU A 346 -2.74 -19.08 -2.88
N GLU A 347 -2.73 -18.25 -1.84
CA GLU A 347 -3.88 -18.15 -0.95
C GLU A 347 -4.80 -16.99 -1.33
N SER A 348 -4.30 -16.09 -2.17
CA SER A 348 -5.07 -14.93 -2.58
C SER A 348 -5.66 -15.12 -3.97
N THR A 349 -6.95 -14.89 -4.09
CA THR A 349 -7.61 -15.04 -5.38
C THR A 349 -7.18 -13.91 -6.33
N ASN A 350 -7.10 -12.69 -5.81
CA ASN A 350 -6.68 -11.59 -6.67
C ASN A 350 -5.31 -11.93 -7.21
N SER A 351 -4.46 -12.45 -6.32
CA SER A 351 -3.11 -12.80 -6.69
C SER A 351 -3.05 -13.74 -7.89
N ARG A 352 -3.84 -14.81 -7.87
CA ARG A 352 -3.86 -15.74 -9.01
C ARG A 352 -4.52 -15.07 -10.22
N MET A 353 -5.70 -14.49 -10.01
CA MET A 353 -6.41 -13.83 -11.08
C MET A 353 -5.46 -12.87 -11.78
N SER A 354 -4.82 -11.99 -11.01
CA SER A 354 -3.89 -11.02 -11.54
C SER A 354 -2.72 -11.67 -12.31
N ARG A 355 -2.07 -12.67 -11.72
CA ARG A 355 -0.95 -13.35 -12.38
C ARG A 355 -1.41 -13.89 -13.72
N ASN A 356 -2.44 -14.73 -13.68
CA ASN A 356 -3.02 -15.36 -14.86
C ASN A 356 -3.31 -14.38 -16.00
N GLY A 357 -4.12 -13.38 -15.71
CA GLY A 357 -4.47 -12.40 -16.72
C GLY A 357 -3.29 -11.64 -17.30
N LYS A 358 -2.30 -11.37 -16.46
CA LYS A 358 -1.12 -10.63 -16.90
C LYS A 358 -0.22 -11.44 -17.82
N ASN A 359 -0.02 -12.71 -17.51
CA ASN A 359 0.84 -13.56 -18.34
C ASN A 359 0.17 -13.90 -19.65
N GLU A 360 -1.13 -14.18 -19.57
CA GLU A 360 -1.91 -14.53 -20.75
C GLU A 360 -1.90 -13.36 -21.72
N LEU A 361 -1.91 -12.16 -21.15
CA LEU A 361 -1.93 -10.94 -21.92
C LEU A 361 -0.53 -10.58 -22.44
N LEU A 362 0.48 -10.60 -21.57
CA LEU A 362 1.83 -10.22 -22.00
C LEU A 362 2.77 -11.36 -22.36
N LEU A 363 2.30 -12.60 -22.33
CA LEU A 363 3.15 -13.72 -22.69
C LEU A 363 2.37 -14.67 -23.58
N LYS A 364 1.06 -14.48 -23.64
CA LYS A 364 0.21 -15.33 -24.46
C LYS A 364 0.50 -16.77 -24.03
N LYS A 365 0.98 -16.90 -22.81
CA LYS A 365 1.34 -18.19 -22.25
C LYS A 365 0.81 -18.31 -20.82
N HIS A 366 0.62 -19.56 -20.40
CA HIS A 366 0.16 -19.85 -19.05
C HIS A 366 1.25 -20.70 -18.42
N ARG A 367 1.72 -20.27 -17.25
CA ARG A 367 2.78 -20.97 -16.54
C ARG A 367 2.23 -21.55 -15.24
N SER A 368 2.30 -22.88 -15.10
CA SER A 368 1.83 -23.51 -13.87
C SER A 368 2.86 -23.33 -12.77
N LEU A 369 2.49 -23.67 -11.55
CA LEU A 369 3.39 -23.55 -10.40
C LEU A 369 4.70 -24.28 -10.71
N ASP A 370 4.64 -25.61 -10.73
CA ASP A 370 5.81 -26.43 -11.01
C ASP A 370 6.64 -25.85 -12.15
N GLU A 371 5.95 -25.37 -13.17
CA GLU A 371 6.62 -24.79 -14.34
C GLU A 371 7.43 -23.57 -13.96
N MET A 372 6.84 -22.67 -13.17
CA MET A 372 7.53 -21.47 -12.74
C MET A 372 8.65 -21.86 -11.77
N ILE A 373 8.35 -22.80 -10.88
CA ILE A 373 9.33 -23.26 -9.89
C ILE A 373 10.58 -23.83 -10.57
N GLU A 374 10.38 -24.65 -11.61
CA GLU A 374 11.51 -25.24 -12.33
C GLU A 374 12.43 -24.11 -12.80
N GLN A 375 11.83 -23.13 -13.47
CA GLN A 375 12.53 -21.96 -13.98
C GLN A 375 13.44 -21.35 -12.93
N ILE A 376 12.86 -21.00 -11.79
CA ILE A 376 13.60 -20.42 -10.68
C ILE A 376 14.84 -21.26 -10.36
N ASN A 377 14.61 -22.55 -10.15
CA ASN A 377 15.67 -23.49 -9.82
C ASN A 377 16.64 -23.70 -10.98
N ALA A 378 16.12 -23.71 -12.20
CA ALA A 378 16.95 -23.92 -13.37
C ALA A 378 18.02 -22.85 -13.54
N VAL A 379 17.82 -21.70 -12.90
CA VAL A 379 18.78 -20.60 -13.03
C VAL A 379 20.12 -20.93 -12.37
N GLN A 380 21.18 -20.88 -13.18
CA GLN A 380 22.55 -21.17 -12.75
C GLN A 380 23.18 -19.90 -12.21
N LYS A 381 24.11 -20.05 -11.27
CA LYS A 381 24.75 -18.88 -10.66
C LYS A 381 25.42 -17.92 -11.64
N GLN A 382 25.96 -18.44 -12.74
CA GLN A 382 26.61 -17.53 -13.68
C GLN A 382 25.65 -16.87 -14.66
N ASP A 383 24.43 -17.37 -14.74
CA ASP A 383 23.45 -16.77 -15.63
C ASP A 383 23.19 -15.37 -15.08
N VAL A 384 23.05 -15.32 -13.76
CA VAL A 384 22.80 -14.07 -13.07
C VAL A 384 24.01 -13.16 -13.17
N SER A 385 25.17 -13.70 -12.81
CA SER A 385 26.45 -12.96 -12.85
C SER A 385 26.71 -12.37 -14.23
N ARG A 386 26.63 -13.22 -15.24
CA ARG A 386 26.86 -12.79 -16.61
C ARG A 386 25.86 -11.70 -16.96
N LEU A 387 24.64 -11.81 -16.43
CA LEU A 387 23.62 -10.82 -16.71
C LEU A 387 23.93 -9.49 -16.00
N ALA A 388 24.30 -9.57 -14.73
CA ALA A 388 24.64 -8.39 -13.94
C ALA A 388 25.79 -7.63 -14.56
N LYS A 389 26.68 -8.36 -15.24
CA LYS A 389 27.84 -7.77 -15.90
C LYS A 389 27.39 -7.02 -17.14
N ILE A 390 26.44 -7.58 -17.88
CA ILE A 390 25.93 -6.94 -19.10
C ILE A 390 25.10 -5.71 -18.80
N LEU A 391 24.14 -5.86 -17.89
CA LEU A 391 23.22 -4.78 -17.54
C LEU A 391 23.73 -3.70 -16.63
N LEU A 392 24.42 -4.07 -15.56
CA LEU A 392 24.91 -3.11 -14.58
C LEU A 392 26.17 -2.34 -14.91
N SER A 393 26.75 -2.59 -16.08
CA SER A 393 27.96 -1.89 -16.46
C SER A 393 27.63 -0.59 -17.16
N ALA A 394 26.54 -0.62 -17.93
CA ALA A 394 26.08 0.53 -18.71
C ALA A 394 26.02 1.84 -17.93
N SER A 395 26.02 2.93 -18.68
CA SER A 395 25.91 4.24 -18.07
C SER A 395 24.41 4.34 -17.76
N PRO A 396 24.07 4.55 -16.49
CA PRO A 396 22.68 4.65 -16.08
C PRO A 396 22.01 5.99 -16.38
N SER A 397 20.69 5.93 -16.56
CA SER A 397 19.90 7.13 -16.80
C SER A 397 19.69 7.64 -15.36
N ILE A 398 19.51 8.94 -15.18
CA ILE A 398 19.36 9.47 -13.82
C ILE A 398 18.24 10.46 -13.61
N SER A 399 17.53 10.28 -12.51
CA SER A 399 16.41 11.15 -12.16
C SER A 399 16.70 11.70 -10.78
N LEU A 400 16.32 12.94 -10.52
CA LEU A 400 16.60 13.52 -9.21
C LEU A 400 15.76 14.71 -8.84
N ILE A 401 15.35 14.76 -7.58
CA ILE A 401 14.56 15.88 -7.07
C ILE A 401 15.20 16.33 -5.77
N ASN A 402 15.46 17.63 -5.65
CA ASN A 402 16.08 18.18 -4.45
C ASN A 402 15.85 19.67 -4.31
N ALA A 403 16.46 20.27 -3.29
CA ALA A 403 16.29 21.70 -3.01
C ALA A 403 16.99 22.70 -3.92
N ASN A 404 18.30 22.56 -4.07
CA ASN A 404 19.04 23.49 -4.93
C ASN A 404 18.72 23.21 -6.40
N GLY A 405 18.21 22.01 -6.67
CA GLY A 405 17.82 21.67 -8.02
C GLY A 405 18.94 21.47 -9.02
N GLU A 406 20.17 21.36 -8.53
CA GLU A 406 21.28 21.16 -9.42
C GLU A 406 21.87 19.76 -9.22
N LEU A 407 22.38 19.17 -10.29
CA LEU A 407 22.98 17.84 -10.21
C LEU A 407 24.16 17.90 -9.27
N PRO A 408 24.40 16.83 -8.52
CA PRO A 408 25.53 16.78 -7.58
C PRO A 408 26.83 16.58 -8.33
N LYS A 409 27.66 15.66 -7.87
CA LYS A 409 28.92 15.37 -8.52
C LYS A 409 28.91 13.90 -8.94
N ALA A 410 27.98 13.58 -9.83
CA ALA A 410 27.79 12.24 -10.37
C ALA A 410 28.19 12.21 -11.85
N LEU A 411 29.45 12.55 -12.13
CA LEU A 411 29.99 12.56 -13.48
C LEU A 411 31.39 11.95 -13.47
N ILE A 412 32.04 12.00 -12.30
CA ILE A 412 33.38 11.47 -12.15
C ILE A 412 33.38 10.30 -11.14
N HIS A 413 34.44 9.50 -11.18
CA HIS A 413 34.59 8.34 -10.31
C HIS A 413 35.73 8.52 -9.29
N LEU A 414 35.68 9.61 -8.51
CA LEU A 414 36.71 9.90 -7.52
C LEU A 414 36.19 9.79 -6.07
N GLU A 415 37.02 9.22 -5.19
CA GLU A 415 36.67 9.08 -3.78
C GLU A 415 37.89 8.83 -2.91
N ILE B 2 -10.55 -19.72 17.44
CA ILE B 2 -10.01 -18.68 18.38
C ILE B 2 -9.85 -19.20 19.80
N ASN B 3 -8.74 -19.89 20.07
CA ASN B 3 -8.46 -20.40 21.39
C ASN B 3 -7.56 -19.39 22.10
N THR B 4 -7.94 -18.99 23.31
CA THR B 4 -7.17 -18.00 24.04
C THR B 4 -6.65 -18.57 25.37
N MET B 5 -5.33 -18.55 25.56
CA MET B 5 -4.72 -19.06 26.80
C MET B 5 -3.70 -18.11 27.42
N THR B 6 -3.51 -18.22 28.73
CA THR B 6 -2.59 -17.35 29.47
C THR B 6 -1.52 -18.13 30.25
N LEU B 7 -0.29 -17.65 30.25
CA LEU B 7 0.79 -18.29 31.00
C LEU B 7 0.90 -17.62 32.36
N ASP B 8 1.76 -18.15 33.23
CA ASP B 8 1.90 -17.56 34.55
C ASP B 8 2.45 -16.14 34.56
N ASN B 9 3.45 -15.88 33.73
CA ASN B 9 4.05 -14.55 33.66
C ASN B 9 3.02 -13.50 33.22
N GLY B 10 1.91 -13.96 32.67
CA GLY B 10 0.88 -13.03 32.24
C GLY B 10 0.64 -12.92 30.75
N VAL B 11 1.64 -13.29 29.94
CA VAL B 11 1.47 -13.21 28.49
C VAL B 11 0.38 -14.13 28.01
N ARG B 12 -0.42 -13.64 27.07
CA ARG B 12 -1.52 -14.40 26.53
C ARG B 12 -1.22 -14.95 25.14
N ILE B 13 -1.68 -16.17 24.87
CA ILE B 13 -1.48 -16.78 23.57
C ILE B 13 -2.84 -16.94 22.91
N ILE B 14 -3.07 -16.19 21.85
CA ILE B 14 -4.33 -16.22 21.12
C ILE B 14 -4.05 -16.85 19.74
N THR B 15 -4.76 -17.94 19.45
CA THR B 15 -4.55 -18.66 18.19
C THR B 15 -5.84 -18.98 17.46
N GLU B 16 -5.71 -19.29 16.18
CA GLU B 16 -6.87 -19.63 15.37
C GLU B 16 -6.47 -20.49 14.19
N LYS B 17 -6.89 -21.76 14.21
CA LYS B 17 -6.60 -22.70 13.15
C LYS B 17 -7.53 -22.47 11.98
N MET B 18 -6.99 -22.48 10.78
CA MET B 18 -7.80 -22.32 9.56
C MET B 18 -7.57 -23.64 8.82
N SER B 19 -8.44 -24.01 7.89
CA SER B 19 -8.23 -25.30 7.25
C SER B 19 -7.93 -25.39 5.75
N THR B 20 -7.86 -24.26 5.06
CA THR B 20 -7.58 -24.33 3.63
C THR B 20 -6.30 -23.58 3.27
N VAL B 21 -5.42 -23.46 4.25
CA VAL B 21 -4.16 -22.77 4.05
C VAL B 21 -2.94 -23.57 4.47
N ARG B 22 -1.81 -23.24 3.85
CA ARG B 22 -0.54 -23.88 4.12
C ARG B 22 0.26 -23.00 5.06
N SER B 23 0.17 -21.70 4.82
CA SER B 23 0.90 -20.72 5.61
C SER B 23 0.41 -20.61 7.04
N VAL B 24 1.09 -19.75 7.79
CA VAL B 24 0.77 -19.47 9.18
C VAL B 24 1.25 -18.04 9.43
N SER B 25 0.54 -17.31 10.28
CA SER B 25 0.93 -15.94 10.56
C SER B 25 1.22 -15.79 12.04
N ILE B 26 2.47 -15.47 12.33
CA ILE B 26 2.89 -15.28 13.71
C ILE B 26 2.97 -13.79 13.99
N GLY B 27 2.45 -13.37 15.14
CA GLY B 27 2.48 -11.97 15.50
C GLY B 27 2.71 -11.75 16.96
N ILE B 28 3.75 -10.98 17.29
CA ILE B 28 4.08 -10.65 18.66
C ILE B 28 3.53 -9.27 18.96
N TRP B 29 2.42 -9.21 19.67
CA TRP B 29 1.80 -7.94 20.01
C TRP B 29 2.23 -7.50 21.40
N VAL B 30 2.40 -6.20 21.57
CA VAL B 30 2.82 -5.63 22.85
C VAL B 30 2.06 -4.34 23.07
N GLY B 31 1.20 -4.35 24.09
CA GLY B 31 0.35 -3.22 24.42
C GLY B 31 0.95 -1.86 24.72
N THR B 32 2.07 -1.51 24.11
CA THR B 32 2.68 -0.20 24.34
C THR B 32 3.10 0.49 23.05
N GLY B 33 2.98 1.81 23.02
CA GLY B 33 3.34 2.59 21.85
C GLY B 33 3.58 4.03 22.21
N SER B 34 3.44 4.94 21.24
CA SER B 34 3.69 6.37 21.47
C SER B 34 2.87 6.98 22.62
N ARG B 35 1.68 6.46 22.86
CA ARG B 35 0.85 7.01 23.92
C ARG B 35 1.52 6.81 25.28
N TYR B 36 2.08 5.63 25.50
CA TYR B 36 2.72 5.29 26.77
C TYR B 36 4.04 5.96 27.06
N GLU B 37 4.61 6.64 26.07
CA GLU B 37 5.88 7.34 26.24
C GLU B 37 5.65 8.66 26.98
N SER B 38 6.76 9.30 27.34
CA SER B 38 6.72 10.59 28.05
C SER B 38 7.65 11.55 27.31
N ALA B 39 7.20 12.78 27.12
CA ALA B 39 7.97 13.79 26.42
C ALA B 39 9.42 13.44 26.06
N GLU B 40 10.24 13.22 27.09
CA GLU B 40 11.66 12.91 26.91
C GLU B 40 12.02 11.61 26.20
N GLU B 41 11.14 10.62 26.23
CA GLU B 41 11.42 9.35 25.56
C GLU B 41 10.53 9.16 24.34
N ASN B 42 9.95 10.26 23.88
CA ASN B 42 9.08 10.26 22.70
C ASN B 42 9.81 9.68 21.49
N GLY B 43 9.30 8.57 20.97
CA GLY B 43 9.90 7.92 19.81
C GLY B 43 10.58 6.62 20.17
N ILE B 44 10.73 6.39 21.47
CA ILE B 44 11.37 5.18 21.99
C ILE B 44 10.67 3.88 21.56
N SER B 45 9.33 3.85 21.64
CA SER B 45 8.51 2.69 21.25
C SER B 45 8.83 2.22 19.84
N HIS B 46 8.92 3.19 18.93
CA HIS B 46 9.23 2.94 17.53
C HIS B 46 10.71 2.62 17.30
N PHE B 47 11.59 3.44 17.87
CA PHE B 47 13.02 3.22 17.70
C PHE B 47 13.40 1.84 18.20
N LEU B 48 12.66 1.36 19.20
CA LEU B 48 12.89 0.05 19.76
C LEU B 48 12.54 -1.01 18.71
N GLU B 49 11.37 -0.86 18.08
CA GLU B 49 10.88 -1.78 17.04
C GLU B 49 11.95 -1.95 15.95
N HIS B 50 12.74 -0.91 15.73
CA HIS B 50 13.80 -0.94 14.73
C HIS B 50 15.05 -1.66 15.22
N MET B 51 15.39 -1.47 16.49
CA MET B 51 16.57 -2.11 17.01
C MET B 51 16.41 -3.62 17.07
N PHE B 52 15.17 -4.10 17.21
CA PHE B 52 14.91 -5.53 17.27
C PHE B 52 15.40 -6.28 16.04
N PHE B 53 15.76 -5.55 15.00
CA PHE B 53 16.25 -6.18 13.77
C PHE B 53 17.73 -5.87 13.56
N LYS B 54 18.34 -5.16 14.50
CA LYS B 54 19.74 -4.80 14.37
C LYS B 54 20.75 -5.80 14.95
N GLY B 55 20.31 -7.01 15.26
CA GLY B 55 21.24 -7.99 15.78
C GLY B 55 21.09 -8.43 17.23
N THR B 56 21.42 -9.70 17.43
CA THR B 56 21.38 -10.32 18.74
C THR B 56 22.75 -10.94 18.95
N ASN B 57 22.85 -11.83 19.95
CA ASN B 57 24.10 -12.50 20.22
C ASN B 57 24.30 -13.65 19.23
N THR B 58 23.20 -14.34 18.90
CA THR B 58 23.26 -15.47 17.98
C THR B 58 23.36 -15.07 16.51
N ARG B 59 22.47 -14.17 16.08
CA ARG B 59 22.46 -13.74 14.68
C ARG B 59 22.54 -12.24 14.49
N SER B 60 23.30 -11.83 13.48
CA SER B 60 23.49 -10.41 13.16
C SER B 60 22.35 -9.82 12.34
N ALA B 61 22.30 -8.49 12.29
CA ALA B 61 21.26 -7.79 11.54
C ALA B 61 21.13 -8.36 10.12
N GLN B 62 22.26 -8.71 9.52
CA GLN B 62 22.24 -9.25 8.17
C GLN B 62 21.73 -10.68 8.12
N GLU B 63 22.07 -11.48 9.13
CA GLU B 63 21.64 -12.87 9.18
C GLU B 63 20.13 -12.88 9.40
N ILE B 64 19.64 -11.87 10.12
CA ILE B 64 18.21 -11.74 10.40
C ILE B 64 17.47 -11.48 9.10
N ALA B 65 18.03 -10.60 8.28
CA ALA B 65 17.44 -10.25 7.00
C ALA B 65 17.48 -11.45 6.06
N GLU B 66 18.59 -12.18 6.09
CA GLU B 66 18.73 -13.34 5.25
C GLU B 66 17.78 -14.47 5.61
N PHE B 67 17.44 -14.59 6.90
CA PHE B 67 16.54 -15.65 7.31
C PHE B 67 15.11 -15.42 6.82
N PHE B 68 14.57 -14.24 7.13
CA PHE B 68 13.22 -13.92 6.72
C PHE B 68 13.10 -13.89 5.21
N ASP B 69 14.17 -13.49 4.54
CA ASP B 69 14.13 -13.48 3.08
C ASP B 69 14.02 -14.89 2.55
N SER B 70 14.70 -15.83 3.19
CA SER B 70 14.67 -17.23 2.77
C SER B 70 13.30 -17.86 2.99
N ILE B 71 12.42 -17.15 3.69
CA ILE B 71 11.07 -17.67 3.95
C ILE B 71 9.99 -16.70 3.43
N GLY B 72 10.18 -16.25 2.19
CA GLY B 72 9.22 -15.35 1.57
C GLY B 72 9.47 -13.86 1.71
N GLY B 73 10.14 -13.48 2.79
CA GLY B 73 10.42 -12.06 3.02
C GLY B 73 9.20 -11.39 3.60
N GLN B 74 8.21 -12.21 3.95
CA GLN B 74 6.95 -11.76 4.51
C GLN B 74 6.99 -11.25 5.96
N VAL B 75 8.10 -10.64 6.36
CA VAL B 75 8.20 -10.12 7.72
C VAL B 75 7.98 -8.62 7.71
N ASN B 76 7.69 -8.05 8.88
CA ASN B 76 7.47 -6.62 9.02
C ASN B 76 7.11 -6.30 10.46
N ALA B 77 7.18 -5.02 10.82
CA ALA B 77 6.83 -4.57 12.15
C ALA B 77 6.38 -3.12 12.10
N PHE B 78 5.51 -2.73 13.02
CA PHE B 78 5.06 -1.34 13.05
C PHE B 78 4.72 -0.90 14.47
N THR B 79 4.60 0.40 14.67
CA THR B 79 4.32 0.99 15.98
C THR B 79 3.15 1.94 15.84
N SER B 80 2.24 1.92 16.82
CA SER B 80 1.08 2.80 16.81
C SER B 80 1.08 3.64 18.07
N LYS B 81 -0.06 4.25 18.36
CA LYS B 81 -0.16 5.08 19.55
C LYS B 81 -0.35 4.21 20.78
N GLU B 82 -1.02 3.07 20.64
CA GLU B 82 -1.23 2.20 21.79
C GLU B 82 -0.78 0.76 21.67
N TYR B 83 0.12 0.48 20.72
CA TYR B 83 0.62 -0.87 20.54
C TYR B 83 1.71 -0.98 19.48
N THR B 84 2.55 -2.00 19.62
CA THR B 84 3.65 -2.27 18.70
C THR B 84 3.39 -3.67 18.16
N CYS B 85 3.93 -3.99 16.99
CA CYS B 85 3.69 -5.30 16.43
C CYS B 85 4.83 -5.88 15.58
N TYR B 86 5.10 -7.16 15.72
CA TYR B 86 6.14 -7.84 14.96
C TYR B 86 5.50 -9.08 14.36
N TYR B 87 5.51 -9.22 13.04
CA TYR B 87 4.88 -10.40 12.44
C TYR B 87 5.53 -10.98 11.19
N ALA B 88 5.06 -12.18 10.83
CA ALA B 88 5.56 -12.88 9.66
C ALA B 88 4.52 -13.85 9.15
N LYS B 89 4.67 -14.23 7.89
CA LYS B 89 3.78 -15.19 7.26
C LYS B 89 4.75 -16.21 6.64
N VAL B 90 4.71 -17.44 7.14
CA VAL B 90 5.61 -18.49 6.64
C VAL B 90 4.89 -19.79 6.37
N LEU B 91 5.43 -20.58 5.44
CA LEU B 91 4.84 -21.87 5.16
C LEU B 91 5.12 -22.66 6.43
N ASP B 92 4.12 -23.35 6.96
CA ASP B 92 4.23 -24.10 8.22
C ASP B 92 5.56 -24.80 8.52
N ASP B 93 6.19 -25.40 7.52
CA ASP B 93 7.44 -26.11 7.71
C ASP B 93 8.60 -25.22 8.15
N HIS B 94 8.35 -23.91 8.24
CA HIS B 94 9.38 -22.96 8.68
C HIS B 94 8.88 -22.11 9.85
N ALA B 95 7.65 -22.36 10.29
CA ALA B 95 7.06 -21.61 11.38
C ALA B 95 7.87 -21.73 12.67
N GLY B 96 8.45 -22.90 12.90
CA GLY B 96 9.24 -23.09 14.10
C GLY B 96 10.48 -22.23 14.07
N GLN B 97 11.13 -22.19 12.91
CA GLN B 97 12.34 -21.40 12.72
C GLN B 97 12.01 -19.92 12.83
N ALA B 98 10.84 -19.54 12.34
CA ALA B 98 10.40 -18.16 12.41
C ALA B 98 10.27 -17.72 13.86
N ILE B 99 9.68 -18.59 14.68
CA ILE B 99 9.51 -18.31 16.11
C ILE B 99 10.86 -18.27 16.83
N ASP B 100 11.79 -19.10 16.40
CA ASP B 100 13.09 -19.12 17.04
C ASP B 100 13.81 -17.80 16.80
N THR B 101 13.75 -17.29 15.57
CA THR B 101 14.39 -16.02 15.25
C THR B 101 13.70 -14.87 15.96
N LEU B 102 12.38 -14.84 15.93
CA LEU B 102 11.64 -13.76 16.59
C LEU B 102 11.87 -13.72 18.10
N SER B 103 12.08 -14.89 18.71
CA SER B 103 12.32 -14.98 20.16
C SER B 103 13.64 -14.33 20.48
N ASP B 104 14.68 -14.79 19.81
CA ASP B 104 16.03 -14.28 19.99
C ASP B 104 16.03 -12.76 19.96
N MET B 105 15.30 -12.19 19.00
CA MET B 105 15.20 -10.74 18.84
C MET B 105 14.49 -10.11 20.04
N PHE B 106 13.39 -10.72 20.47
CA PHE B 106 12.62 -10.23 21.58
C PHE B 106 13.42 -10.25 22.88
N PHE B 107 14.13 -11.36 23.12
CA PHE B 107 14.90 -11.52 24.36
C PHE B 107 16.37 -11.09 24.30
N HIS B 108 17.15 -11.85 23.54
CA HIS B 108 18.59 -11.62 23.42
C HIS B 108 19.04 -10.63 22.36
N SER B 109 18.29 -9.54 22.21
CA SER B 109 18.65 -8.53 21.23
C SER B 109 19.60 -7.54 21.90
N THR B 110 20.84 -7.50 21.41
CA THR B 110 21.86 -6.60 21.96
C THR B 110 21.77 -5.25 21.24
N PHE B 111 21.80 -4.15 21.99
CA PHE B 111 21.71 -2.85 21.35
C PHE B 111 23.06 -2.18 21.27
N GLN B 112 23.97 -2.80 20.54
CA GLN B 112 25.33 -2.27 20.39
C GLN B 112 25.39 -0.78 20.10
N LYS B 113 26.51 -0.16 20.48
CA LYS B 113 26.70 1.26 20.28
C LYS B 113 26.79 1.58 18.78
N GLU B 114 27.43 0.69 18.03
CA GLU B 114 27.60 0.86 16.60
C GLU B 114 26.27 0.82 15.84
N GLU B 115 25.47 -0.22 16.10
CA GLU B 115 24.17 -0.36 15.44
C GLU B 115 23.20 0.74 15.84
N LEU B 116 23.06 0.94 17.15
CA LEU B 116 22.15 1.94 17.66
C LEU B 116 22.46 3.32 17.08
N GLU B 117 23.68 3.49 16.59
CA GLU B 117 24.10 4.76 16.01
C GLU B 117 23.59 4.94 14.58
N LYS B 118 23.88 3.94 13.75
CA LYS B 118 23.47 3.95 12.35
C LYS B 118 21.95 3.87 12.20
N GLU B 119 21.30 3.14 13.10
CA GLU B 119 19.85 2.98 13.05
C GLU B 119 19.12 4.27 13.43
N ARG B 120 19.79 5.13 14.19
CA ARG B 120 19.20 6.40 14.59
C ARG B 120 19.05 7.25 13.33
N LYS B 121 20.00 7.10 12.41
CA LYS B 121 19.99 7.83 11.14
C LYS B 121 18.84 7.39 10.23
N VAL B 122 18.65 6.07 10.08
CA VAL B 122 17.56 5.57 9.23
C VAL B 122 16.22 6.10 9.69
N VAL B 123 16.08 6.37 10.98
CA VAL B 123 14.83 6.89 11.48
C VAL B 123 14.82 8.38 11.22
N PHE B 124 16.00 8.97 11.11
CA PHE B 124 16.10 10.40 10.81
C PHE B 124 15.70 10.57 9.33
N GLU B 125 16.02 9.55 8.53
CA GLU B 125 15.66 9.55 7.12
C GLU B 125 14.17 9.22 7.02
N GLU B 126 13.75 8.24 7.80
CA GLU B 126 12.34 7.83 7.84
C GLU B 126 11.48 9.04 8.21
N ILE B 127 12.00 9.88 9.11
CA ILE B 127 11.26 11.05 9.52
C ILE B 127 11.16 12.09 8.41
N LYS B 128 12.28 12.37 7.73
CA LYS B 128 12.28 13.33 6.64
C LYS B 128 11.40 12.83 5.49
N MET B 129 11.37 11.51 5.31
CA MET B 129 10.58 10.93 4.23
C MET B 129 9.08 11.16 4.35
N VAL B 130 8.54 11.11 5.57
CA VAL B 130 7.12 11.34 5.76
C VAL B 130 6.94 12.85 5.66
N ASP B 131 8.02 13.56 5.94
CA ASP B 131 7.99 15.00 5.89
C ASP B 131 7.83 15.47 4.44
N ASP B 132 8.47 14.76 3.51
CA ASP B 132 8.39 15.08 2.10
C ASP B 132 7.08 14.58 1.51
N THR B 133 6.29 13.88 2.32
CA THR B 133 5.01 13.36 1.84
C THR B 133 3.87 14.11 2.55
N PRO B 134 3.50 15.30 2.02
CA PRO B 134 2.44 16.17 2.53
C PRO B 134 1.10 15.53 2.79
N ASP B 135 0.72 14.54 1.98
CA ASP B 135 -0.56 13.88 2.20
C ASP B 135 -0.50 12.86 3.33
N ASP B 136 0.71 12.64 3.87
CA ASP B 136 0.92 11.70 4.97
C ASP B 136 1.15 12.38 6.31
N ILE B 137 2.08 13.33 6.34
CA ILE B 137 2.41 14.05 7.56
C ILE B 137 1.30 14.98 8.05
N VAL B 138 0.48 15.46 7.14
CA VAL B 138 -0.61 16.37 7.51
C VAL B 138 -1.57 15.68 8.48
N HIS B 139 -1.63 14.35 8.44
CA HIS B 139 -2.50 13.59 9.33
C HIS B 139 -1.96 13.66 10.76
N ASP B 140 -0.62 13.64 10.87
CA ASP B 140 0.04 13.71 12.16
C ASP B 140 -0.07 15.11 12.73
N LEU B 141 0.10 16.11 11.86
CA LEU B 141 -0.01 17.50 12.29
C LEU B 141 -1.40 17.69 12.88
N LEU B 142 -2.36 16.88 12.44
CA LEU B 142 -3.70 16.97 12.96
C LEU B 142 -3.76 16.38 14.37
N SER B 143 -3.13 15.23 14.56
CA SER B 143 -3.11 14.58 15.88
C SER B 143 -2.54 15.55 16.92
N SER B 144 -1.60 16.36 16.47
CA SER B 144 -0.93 17.35 17.33
C SER B 144 -1.91 18.43 17.77
N ALA B 145 -2.60 19.04 16.81
CA ALA B 145 -3.56 20.10 17.13
C ALA B 145 -4.62 19.57 18.09
N THR B 146 -5.21 18.44 17.73
CA THR B 146 -6.26 17.81 18.53
C THR B 146 -5.91 17.51 19.99
N TYR B 147 -4.71 16.97 20.23
CA TYR B 147 -4.32 16.63 21.59
C TYR B 147 -3.24 17.50 22.24
N GLY B 148 -3.01 18.68 21.69
CA GLY B 148 -2.01 19.58 22.23
C GLY B 148 -0.69 18.94 22.63
N LYS B 149 -0.42 18.91 23.92
CA LYS B 149 0.83 18.35 24.42
C LYS B 149 0.72 17.01 25.13
N HIS B 150 -0.42 16.36 24.97
CA HIS B 150 -0.69 15.04 25.55
C HIS B 150 0.05 14.07 24.63
N SER B 151 0.37 12.87 25.14
CA SER B 151 1.10 11.87 24.34
C SER B 151 0.39 11.38 23.06
N LEU B 152 -0.90 11.63 22.98
CA LEU B 152 -1.69 11.21 21.82
C LEU B 152 -1.38 12.14 20.66
N GLY B 153 -0.77 13.29 20.99
CA GLY B 153 -0.42 14.27 19.99
C GLY B 153 1.02 14.14 19.51
N TYR B 154 1.84 13.42 20.28
CA TYR B 154 3.26 13.21 19.93
C TYR B 154 3.42 12.26 18.73
N PRO B 155 4.37 12.55 17.84
CA PRO B 155 4.62 11.71 16.66
C PRO B 155 5.17 10.35 17.03
N ILE B 156 4.74 9.33 16.28
CA ILE B 156 5.19 7.96 16.52
C ILE B 156 6.72 7.90 16.40
N LEU B 157 7.25 8.44 15.32
CA LEU B 157 8.68 8.45 15.07
C LEU B 157 9.46 9.30 16.08
N GLY B 158 8.74 10.05 16.91
CA GLY B 158 9.40 10.90 17.89
C GLY B 158 9.96 12.14 17.24
N THR B 159 10.72 12.92 18.02
CA THR B 159 11.34 14.14 17.51
C THR B 159 12.82 13.83 17.29
N VAL B 160 13.57 14.77 16.69
CA VAL B 160 14.98 14.51 16.43
C VAL B 160 15.83 14.75 17.67
N GLU B 161 15.40 15.68 18.53
CA GLU B 161 16.13 15.97 19.75
C GLU B 161 16.04 14.78 20.69
N THR B 162 14.89 14.11 20.69
CA THR B 162 14.70 12.94 21.54
C THR B 162 15.53 11.76 21.08
N LEU B 163 15.44 11.42 19.80
CA LEU B 163 16.21 10.30 19.28
C LEU B 163 17.70 10.48 19.58
N ASN B 164 18.18 11.71 19.37
CA ASN B 164 19.58 12.06 19.61
C ASN B 164 20.16 11.60 20.95
N SER B 165 19.29 11.24 21.89
CA SER B 165 19.75 10.81 23.21
C SER B 165 19.45 9.35 23.53
N PHE B 166 18.62 8.71 22.73
CA PHE B 166 18.27 7.33 23.01
C PHE B 166 19.51 6.42 23.02
N ASN B 167 19.82 5.91 24.20
CA ASN B 167 20.96 5.00 24.39
C ASN B 167 20.43 3.64 24.83
N GLU B 168 21.31 2.65 24.90
CA GLU B 168 20.90 1.31 25.31
C GLU B 168 20.27 1.35 26.68
N GLY B 169 20.63 2.36 27.46
CA GLY B 169 20.07 2.50 28.79
C GLY B 169 18.62 2.92 28.73
N MET B 170 18.34 3.94 27.93
CA MET B 170 16.98 4.43 27.81
C MET B 170 16.08 3.36 27.19
N LEU B 171 16.63 2.62 26.23
CA LEU B 171 15.87 1.56 25.57
C LEU B 171 15.46 0.49 26.57
N ARG B 172 16.47 -0.17 27.15
CA ARG B 172 16.22 -1.23 28.11
C ARG B 172 15.33 -0.78 29.27
N HIS B 173 15.50 0.46 29.72
CA HIS B 173 14.69 0.98 30.81
C HIS B 173 13.23 0.97 30.39
N TYR B 174 12.97 1.48 29.20
CA TYR B 174 11.61 1.51 28.65
C TYR B 174 11.14 0.08 28.46
N MET B 175 11.90 -0.66 27.67
CA MET B 175 11.60 -2.04 27.35
C MET B 175 11.40 -2.93 28.56
N ASP B 176 12.24 -2.76 29.57
CA ASP B 176 12.13 -3.58 30.77
C ASP B 176 10.93 -3.23 31.63
N ARG B 177 10.16 -2.24 31.19
CA ARG B 177 8.97 -1.84 31.90
C ARG B 177 7.72 -2.42 31.23
N PHE B 178 7.56 -2.13 29.94
CA PHE B 178 6.40 -2.58 29.18
C PHE B 178 6.47 -3.94 28.48
N TYR B 179 7.65 -4.32 28.02
CA TYR B 179 7.80 -5.61 27.35
C TYR B 179 7.73 -6.72 28.40
N THR B 180 6.63 -6.74 29.13
CA THR B 180 6.42 -7.70 30.19
C THR B 180 5.07 -8.40 30.07
N GLY B 181 4.94 -9.50 30.79
CA GLY B 181 3.72 -10.32 30.77
C GLY B 181 2.40 -9.70 30.39
N ASP B 182 1.98 -8.68 31.13
CA ASP B 182 0.69 -8.01 30.88
C ASP B 182 0.55 -7.29 29.55
N TYR B 183 1.67 -7.00 28.90
CA TYR B 183 1.64 -6.32 27.62
C TYR B 183 1.86 -7.26 26.45
N VAL B 184 2.55 -8.37 26.69
CA VAL B 184 2.82 -9.32 25.62
C VAL B 184 1.63 -10.21 25.27
N VAL B 185 1.47 -10.44 23.97
CA VAL B 185 0.40 -11.25 23.43
C VAL B 185 0.86 -11.84 22.11
N ILE B 186 1.11 -13.14 22.10
CA ILE B 186 1.53 -13.81 20.88
C ILE B 186 0.28 -14.28 20.15
N SER B 187 0.12 -13.87 18.90
CA SER B 187 -1.04 -14.26 18.10
C SER B 187 -0.63 -15.12 16.91
N VAL B 188 -1.34 -16.22 16.71
CA VAL B 188 -1.05 -17.13 15.60
C VAL B 188 -2.32 -17.53 14.87
N ALA B 189 -2.26 -17.52 13.53
CA ALA B 189 -3.43 -17.88 12.73
C ALA B 189 -3.03 -18.59 11.42
N GLY B 190 -3.83 -19.57 11.02
CA GLY B 190 -3.54 -20.32 9.80
C GLY B 190 -3.31 -21.82 10.03
N ASN B 191 -2.27 -22.36 9.39
CA ASN B 191 -1.95 -23.77 9.53
C ASN B 191 -1.21 -23.92 10.85
N VAL B 192 -1.93 -23.65 11.94
CA VAL B 192 -1.37 -23.71 13.29
C VAL B 192 -1.24 -25.14 13.79
N HIS B 193 -0.01 -25.56 14.03
CA HIS B 193 0.25 -26.90 14.53
C HIS B 193 0.43 -26.87 16.06
N ASP B 194 0.01 -27.93 16.74
CA ASP B 194 0.15 -27.98 18.20
C ASP B 194 1.62 -27.88 18.62
N GLU B 195 2.49 -28.46 17.80
CA GLU B 195 3.93 -28.44 18.04
C GLU B 195 4.47 -27.02 18.14
N LEU B 196 3.95 -26.14 17.28
CA LEU B 196 4.38 -24.74 17.28
C LEU B 196 3.89 -24.04 18.56
N ILE B 197 2.66 -24.33 18.96
CA ILE B 197 2.10 -23.73 20.16
C ILE B 197 2.94 -24.11 21.39
N ASP B 198 3.47 -25.33 21.41
CA ASP B 198 4.29 -25.74 22.55
C ASP B 198 5.60 -24.98 22.52
N LYS B 199 6.14 -24.77 21.33
CA LYS B 199 7.39 -24.03 21.21
C LYS B 199 7.22 -22.58 21.66
N ILE B 200 6.01 -22.05 21.47
CA ILE B 200 5.67 -20.68 21.83
C ILE B 200 5.56 -20.56 23.35
N LYS B 201 4.80 -21.46 23.97
CA LYS B 201 4.60 -21.49 25.42
C LYS B 201 5.93 -21.65 26.16
N GLU B 202 6.80 -22.52 25.63
CA GLU B 202 8.09 -22.78 26.24
C GLU B 202 9.06 -21.64 26.09
N THR B 203 8.75 -20.74 25.16
CA THR B 203 9.62 -19.59 24.90
C THR B 203 9.13 -18.31 25.56
N PHE B 204 7.88 -17.97 25.32
CA PHE B 204 7.34 -16.75 25.88
C PHE B 204 6.86 -16.86 27.31
N SER B 205 7.40 -17.87 27.98
CA SER B 205 7.10 -18.08 29.39
C SER B 205 8.26 -17.37 30.07
N GLN B 206 9.36 -17.28 29.33
CA GLN B 206 10.58 -16.64 29.82
C GLN B 206 10.38 -15.16 30.11
N VAL B 207 9.48 -14.49 29.39
CA VAL B 207 9.24 -13.08 29.61
C VAL B 207 8.88 -12.77 31.08
N LYS B 208 9.51 -11.75 31.64
CA LYS B 208 9.29 -11.36 33.03
C LYS B 208 7.93 -10.71 33.30
N PRO B 209 7.33 -11.05 34.45
CA PRO B 209 6.03 -10.51 34.88
C PRO B 209 6.04 -9.00 35.01
N THR B 210 4.89 -8.38 34.82
CA THR B 210 4.81 -6.93 34.90
C THR B 210 4.80 -6.39 36.32
N THR B 211 5.86 -5.66 36.69
CA THR B 211 5.94 -5.08 38.02
C THR B 211 5.48 -3.63 37.91
N TYR B 212 5.97 -2.94 36.88
CA TYR B 212 5.64 -1.55 36.65
C TYR B 212 4.14 -1.37 36.49
N ASN B 213 3.64 -0.24 36.98
CA ASN B 213 2.21 0.04 36.90
C ASN B 213 1.96 1.40 36.24
N TYR B 214 1.89 1.42 34.92
CA TYR B 214 1.66 2.63 34.15
C TYR B 214 0.36 3.30 34.54
N GLN B 215 0.46 4.60 34.83
CA GLN B 215 -0.68 5.41 35.21
C GLN B 215 -0.71 6.54 34.18
N GLY B 216 -1.73 6.55 33.33
CA GLY B 216 -1.79 7.58 32.31
C GLY B 216 -2.91 8.61 32.40
N GLU B 217 -2.66 9.75 31.76
CA GLU B 217 -3.63 10.84 31.72
C GLU B 217 -4.60 10.58 30.58
N LYS B 218 -5.79 11.17 30.68
CA LYS B 218 -6.80 11.00 29.64
C LYS B 218 -6.77 12.26 28.79
N PRO B 219 -6.71 12.10 27.46
CA PRO B 219 -6.67 13.24 26.54
C PRO B 219 -7.91 14.11 26.52
N MET B 220 -7.80 15.28 25.89
CA MET B 220 -8.91 16.18 25.76
C MET B 220 -8.85 16.78 24.36
N PHE B 221 -10.00 16.79 23.68
CA PHE B 221 -10.11 17.30 22.32
C PHE B 221 -10.06 18.81 22.31
N LEU B 222 -9.15 19.35 21.51
CA LEU B 222 -9.00 20.78 21.40
C LEU B 222 -9.22 21.08 19.93
N PRO B 223 -10.18 21.97 19.63
CA PRO B 223 -10.44 22.31 18.22
C PRO B 223 -9.35 23.21 17.64
N ASN B 224 -8.09 22.86 17.89
CA ASN B 224 -6.97 23.64 17.42
C ASN B 224 -6.67 23.48 15.94
N ARG B 225 -5.73 24.30 15.45
CA ARG B 225 -5.35 24.26 14.05
C ARG B 225 -3.87 24.48 13.85
N ILE B 226 -3.29 23.70 12.95
CA ILE B 226 -1.87 23.79 12.61
C ILE B 226 -1.78 24.04 11.12
N VAL B 227 -0.84 24.90 10.72
CA VAL B 227 -0.65 25.22 9.32
C VAL B 227 0.84 25.27 9.03
N ARG B 228 1.28 24.46 8.08
CA ARG B 228 2.68 24.44 7.69
C ARG B 228 2.81 24.88 6.24
N LYS B 229 3.71 25.82 5.99
CA LYS B 229 3.96 26.33 4.64
C LYS B 229 4.94 25.39 3.94
N LYS B 230 4.55 24.88 2.78
CA LYS B 230 5.40 23.99 2.02
C LYS B 230 5.13 24.18 0.53
N GLU B 231 6.18 24.29 -0.26
CA GLU B 231 6.03 24.45 -1.70
C GLU B 231 5.32 23.23 -2.26
N THR B 232 4.01 23.32 -2.39
CA THR B 232 3.20 22.23 -2.92
C THR B 232 2.32 22.67 -4.09
N GLU B 233 1.66 21.70 -4.72
CA GLU B 233 0.77 21.94 -5.85
C GLU B 233 -0.65 21.97 -5.31
N GLN B 234 -0.89 21.10 -4.33
CA GLN B 234 -2.18 20.97 -3.69
C GLN B 234 -2.13 21.50 -2.28
N ALA B 235 -3.30 21.80 -1.74
CA ALA B 235 -3.42 22.25 -0.37
C ALA B 235 -3.97 20.98 0.30
N HIS B 236 -3.29 20.51 1.33
CA HIS B 236 -3.73 19.30 1.99
C HIS B 236 -4.47 19.62 3.27
N LEU B 237 -5.72 19.22 3.34
CA LEU B 237 -6.53 19.49 4.50
C LEU B 237 -6.93 18.26 5.32
N CYS B 238 -6.88 18.42 6.64
CA CYS B 238 -7.30 17.38 7.55
C CYS B 238 -8.18 18.04 8.57
N LEU B 239 -9.35 17.45 8.80
CA LEU B 239 -10.30 17.98 9.76
C LEU B 239 -10.65 16.86 10.73
N GLY B 240 -10.39 17.07 12.02
CA GLY B 240 -10.72 16.06 13.00
C GLY B 240 -11.94 16.42 13.81
N TYR B 241 -12.69 15.40 14.23
CA TYR B 241 -13.86 15.62 15.04
C TYR B 241 -13.81 14.58 16.15
N PRO B 242 -14.67 14.73 17.16
CA PRO B 242 -14.67 13.77 18.25
C PRO B 242 -15.07 12.37 17.75
N GLY B 243 -14.51 11.34 18.37
CA GLY B 243 -14.84 9.98 17.98
C GLY B 243 -15.36 9.22 19.17
N LEU B 244 -14.95 7.96 19.32
CA LEU B 244 -15.38 7.12 20.46
C LEU B 244 -14.24 6.20 20.87
N PRO B 245 -14.26 5.77 22.14
CA PRO B 245 -13.22 4.87 22.65
C PRO B 245 -13.30 3.48 22.00
N ILE B 246 -12.17 2.78 21.98
CA ILE B 246 -12.08 1.45 21.37
C ILE B 246 -13.25 0.48 21.62
N GLY B 247 -13.62 0.28 22.88
CA GLY B 247 -14.68 -0.65 23.17
C GLY B 247 -15.96 0.03 23.59
N ASP B 248 -16.23 1.19 23.00
CA ASP B 248 -17.43 1.94 23.33
C ASP B 248 -18.69 1.22 22.87
N LYS B 249 -19.80 1.58 23.50
CA LYS B 249 -21.12 1.04 23.23
C LYS B 249 -21.48 1.09 21.74
N ASP B 250 -21.26 2.23 21.11
CA ASP B 250 -21.61 2.43 19.72
C ASP B 250 -20.48 2.46 18.70
N VAL B 251 -19.45 1.64 18.90
CA VAL B 251 -18.34 1.59 17.95
C VAL B 251 -18.82 1.28 16.53
N TYR B 252 -19.65 0.25 16.39
CA TYR B 252 -20.16 -0.13 15.08
C TYR B 252 -20.98 0.98 14.43
N ALA B 253 -21.64 1.80 15.25
CA ALA B 253 -22.41 2.91 14.71
C ALA B 253 -21.40 3.92 14.17
N LEU B 254 -20.23 3.99 14.80
CA LEU B 254 -19.19 4.92 14.34
C LEU B 254 -18.59 4.38 13.04
N VAL B 255 -18.44 3.08 12.96
CA VAL B 255 -17.91 2.46 11.76
C VAL B 255 -18.87 2.77 10.60
N LEU B 256 -20.16 2.55 10.83
CA LEU B 256 -21.18 2.81 9.82
C LEU B 256 -21.25 4.30 9.46
N LEU B 257 -21.08 5.15 10.48
CA LEU B 257 -21.12 6.60 10.25
C LEU B 257 -19.96 7.02 9.35
N ASN B 258 -18.76 6.56 9.67
CA ASN B 258 -17.58 6.89 8.89
C ASN B 258 -17.77 6.43 7.45
N ASN B 259 -18.48 5.31 7.32
CA ASN B 259 -18.77 4.71 6.04
C ASN B 259 -19.62 5.63 5.17
N VAL B 260 -20.60 6.25 5.79
CA VAL B 260 -21.48 7.15 5.08
C VAL B 260 -20.83 8.52 4.87
N LEU B 261 -19.97 8.91 5.81
CA LEU B 261 -19.30 10.19 5.76
C LEU B 261 -18.35 10.29 4.56
N GLY B 262 -17.24 9.55 4.63
CA GLY B 262 -16.28 9.56 3.55
C GLY B 262 -15.51 8.25 3.52
N GLY B 263 -16.09 7.23 4.13
CA GLY B 263 -15.44 5.94 4.20
C GLY B 263 -15.52 5.02 2.98
N SER B 264 -16.19 5.45 1.91
CA SER B 264 -16.29 4.58 0.75
C SER B 264 -16.68 5.34 -0.50
N MET B 265 -16.65 4.64 -1.63
CA MET B 265 -16.99 5.25 -2.91
C MET B 265 -18.32 5.99 -2.87
N SER B 266 -19.33 5.35 -2.27
CA SER B 266 -20.66 5.96 -2.18
C SER B 266 -20.89 6.85 -0.96
N SER B 267 -19.83 7.26 -0.28
CA SER B 267 -19.98 8.11 0.89
C SER B 267 -20.31 9.55 0.49
N ARG B 268 -20.97 10.27 1.41
CA ARG B 268 -21.37 11.66 1.15
C ARG B 268 -20.19 12.47 0.63
N LEU B 269 -19.04 12.35 1.31
CA LEU B 269 -17.86 13.10 0.90
C LEU B 269 -17.37 12.74 -0.50
N PHE B 270 -17.22 11.45 -0.76
CA PHE B 270 -16.74 11.03 -2.07
C PHE B 270 -17.68 11.47 -3.18
N GLN B 271 -18.97 11.32 -2.95
CA GLN B 271 -19.94 11.71 -3.96
C GLN B 271 -20.05 13.23 -4.16
N ASP B 272 -20.00 13.99 -3.07
CA ASP B 272 -20.12 15.44 -3.18
C ASP B 272 -18.85 16.17 -3.62
N ILE B 273 -17.73 15.85 -2.99
CA ILE B 273 -16.49 16.52 -3.29
C ILE B 273 -15.78 16.06 -4.55
N ARG B 274 -15.72 14.76 -4.78
CA ARG B 274 -15.04 14.25 -5.95
C ARG B 274 -15.98 13.92 -7.11
N GLU B 275 -16.95 13.06 -6.85
CA GLU B 275 -17.90 12.61 -7.86
C GLU B 275 -18.69 13.71 -8.59
N LYS B 276 -19.23 14.68 -7.85
CA LYS B 276 -20.00 15.75 -8.48
C LYS B 276 -19.21 17.01 -8.80
N ARG B 277 -18.33 17.43 -7.91
CA ARG B 277 -17.56 18.63 -8.17
C ARG B 277 -16.20 18.35 -8.79
N GLY B 278 -15.61 17.22 -8.46
CA GLY B 278 -14.29 16.91 -8.99
C GLY B 278 -13.25 17.82 -8.38
N LEU B 279 -13.46 18.18 -7.12
CA LEU B 279 -12.54 19.06 -6.39
C LEU B 279 -11.29 18.31 -5.96
N CYS B 280 -11.45 17.06 -5.59
CA CYS B 280 -10.31 16.25 -5.15
C CYS B 280 -10.25 14.89 -5.84
N TYR B 281 -9.03 14.35 -5.87
CA TYR B 281 -8.83 13.03 -6.41
C TYR B 281 -8.96 12.17 -5.17
N SER B 282 -8.48 12.73 -4.06
CA SER B 282 -8.52 12.05 -2.77
C SER B 282 -9.35 12.83 -1.75
N VAL B 283 -10.35 12.14 -1.19
CA VAL B 283 -11.24 12.68 -0.18
C VAL B 283 -11.75 11.46 0.56
N PHE B 284 -11.48 11.37 1.85
CA PHE B 284 -11.95 10.23 2.60
C PHE B 284 -11.98 10.52 4.07
N SER B 285 -12.44 9.56 4.85
CA SER B 285 -12.52 9.72 6.28
C SER B 285 -12.23 8.39 6.97
N TYR B 286 -11.82 8.48 8.22
CA TYR B 286 -11.52 7.29 9.00
C TYR B 286 -11.60 7.63 10.46
N HIS B 287 -11.92 6.63 11.27
CA HIS B 287 -12.04 6.82 12.69
C HIS B 287 -10.79 6.28 13.36
N SER B 288 -10.35 6.98 14.41
CA SER B 288 -9.19 6.59 15.18
C SER B 288 -9.68 6.48 16.61
N SER B 289 -9.64 5.27 17.14
CA SER B 289 -10.12 5.02 18.50
C SER B 289 -9.08 4.46 19.45
N PHE B 290 -8.97 5.09 20.61
CA PHE B 290 -8.03 4.66 21.63
C PHE B 290 -8.83 4.16 22.83
N ARG B 291 -8.16 3.63 23.85
CA ARG B 291 -8.90 3.06 24.97
C ARG B 291 -9.73 4.02 25.83
N ASP B 292 -9.53 5.32 25.66
CA ASP B 292 -10.31 6.30 26.44
C ASP B 292 -10.78 7.49 25.60
N SER B 293 -10.22 7.66 24.42
CA SER B 293 -10.59 8.76 23.52
C SER B 293 -10.78 8.22 22.11
N GLY B 294 -11.00 9.12 21.16
CA GLY B 294 -11.17 8.70 19.78
C GLY B 294 -11.53 9.89 18.92
N MET B 295 -11.24 9.82 17.62
CA MET B 295 -11.58 10.92 16.73
C MET B 295 -11.96 10.46 15.33
N LEU B 296 -12.79 11.27 14.67
CA LEU B 296 -13.24 10.99 13.30
C LEU B 296 -12.48 11.99 12.44
N THR B 297 -11.74 11.48 11.46
CA THR B 297 -10.91 12.33 10.60
C THR B 297 -11.28 12.34 9.12
N ILE B 298 -11.26 13.54 8.54
CA ILE B 298 -11.57 13.74 7.14
C ILE B 298 -10.31 14.26 6.46
N TYR B 299 -10.05 13.84 5.23
CA TYR B 299 -8.89 14.30 4.48
C TYR B 299 -9.26 14.69 3.05
N ALA B 300 -8.60 15.73 2.53
CA ALA B 300 -8.87 16.15 1.18
C ALA B 300 -7.74 16.98 0.57
N GLY B 301 -7.39 16.64 -0.67
CA GLY B 301 -6.35 17.35 -1.37
C GLY B 301 -6.95 18.06 -2.58
N THR B 302 -6.68 19.35 -2.73
CA THR B 302 -7.19 20.11 -3.86
C THR B 302 -6.18 21.19 -4.20
N GLY B 303 -6.33 21.81 -5.38
CA GLY B 303 -5.41 22.86 -5.78
C GLY B 303 -5.51 24.05 -4.85
N HIS B 304 -4.41 24.79 -4.71
CA HIS B 304 -4.38 25.95 -3.82
C HIS B 304 -5.54 26.91 -3.94
N ASP B 305 -6.12 27.04 -5.12
CA ASP B 305 -7.23 27.96 -5.29
C ASP B 305 -8.52 27.44 -4.65
N GLN B 306 -8.96 26.27 -5.08
CA GLN B 306 -10.20 25.71 -4.55
C GLN B 306 -10.22 25.34 -3.07
N LEU B 307 -9.25 25.83 -2.30
CA LEU B 307 -9.23 25.51 -0.87
C LEU B 307 -10.41 26.17 -0.15
N ASP B 308 -10.80 27.36 -0.60
CA ASP B 308 -11.96 28.05 -0.01
C ASP B 308 -13.19 27.26 -0.45
N ASP B 309 -13.30 27.04 -1.76
CA ASP B 309 -14.41 26.31 -2.33
C ASP B 309 -14.51 24.91 -1.71
N LEU B 310 -13.39 24.21 -1.60
CA LEU B 310 -13.37 22.87 -1.01
C LEU B 310 -13.88 22.86 0.42
N VAL B 311 -13.43 23.84 1.22
CA VAL B 311 -13.85 23.93 2.61
C VAL B 311 -15.36 24.10 2.78
N TYR B 312 -15.94 25.07 2.08
CA TYR B 312 -17.37 25.28 2.17
C TYR B 312 -18.11 24.00 1.80
N SER B 313 -17.58 23.31 0.79
CA SER B 313 -18.19 22.07 0.31
C SER B 313 -18.18 20.91 1.31
N ILE B 314 -17.03 20.69 1.92
CA ILE B 314 -16.90 19.63 2.91
C ILE B 314 -17.83 20.03 4.06
N GLN B 315 -17.89 21.34 4.30
CA GLN B 315 -18.72 21.92 5.34
C GLN B 315 -20.20 21.57 5.16
N GLU B 316 -20.71 21.78 3.95
CA GLU B 316 -22.10 21.47 3.65
C GLU B 316 -22.41 20.04 3.98
N THR B 317 -21.67 19.13 3.35
CA THR B 317 -21.86 17.70 3.53
C THR B 317 -21.93 17.24 4.98
N THR B 318 -20.88 17.55 5.75
CA THR B 318 -20.81 17.15 7.15
C THR B 318 -21.93 17.85 7.92
N SER B 319 -22.27 19.06 7.49
CA SER B 319 -23.32 19.82 8.12
C SER B 319 -24.63 19.07 7.94
N ALA B 320 -24.96 18.78 6.69
CA ALA B 320 -26.20 18.09 6.33
C ALA B 320 -26.30 16.69 6.92
N LEU B 321 -25.17 16.00 6.97
CA LEU B 321 -25.17 14.64 7.52
C LEU B 321 -25.56 14.72 8.99
N ALA B 322 -24.84 15.59 9.72
CA ALA B 322 -25.06 15.78 11.14
C ALA B 322 -26.51 16.11 11.48
N GLU B 323 -27.06 17.09 10.76
CA GLU B 323 -28.44 17.54 10.98
C GLU B 323 -29.53 16.59 10.52
N LYS B 324 -29.46 16.13 9.27
CA LYS B 324 -30.48 15.24 8.70
C LYS B 324 -30.25 13.73 8.85
N GLY B 325 -29.07 13.31 9.28
CA GLY B 325 -28.78 11.89 9.45
C GLY B 325 -28.56 11.15 8.13
N LEU B 326 -28.75 9.83 8.15
CA LEU B 326 -28.58 9.01 6.94
C LEU B 326 -29.85 8.21 6.68
N THR B 327 -30.07 7.85 5.43
CA THR B 327 -31.26 7.09 5.08
C THR B 327 -31.07 5.60 5.36
N GLU B 328 -32.18 4.87 5.46
CA GLU B 328 -32.15 3.43 5.72
C GLU B 328 -31.45 2.68 4.60
N LYS B 329 -31.57 3.19 3.38
CA LYS B 329 -30.94 2.58 2.21
C LYS B 329 -29.44 2.66 2.39
N GLU B 330 -28.98 3.83 2.84
CA GLU B 330 -27.57 4.10 3.11
C GLU B 330 -27.06 3.24 4.27
N LEU B 331 -27.91 3.06 5.29
CA LEU B 331 -27.55 2.25 6.44
C LEU B 331 -27.46 0.79 6.05
N GLU B 332 -28.34 0.37 5.14
CA GLU B 332 -28.32 -1.02 4.72
C GLU B 332 -27.17 -1.24 3.76
N ASN B 333 -26.80 -0.21 3.01
CA ASN B 333 -25.71 -0.32 2.07
C ASN B 333 -24.40 -0.48 2.82
N GLY B 334 -24.36 0.08 4.03
CA GLY B 334 -23.16 0.01 4.83
C GLY B 334 -22.96 -1.36 5.44
N LYS B 335 -24.03 -1.89 6.03
CA LYS B 335 -23.97 -3.19 6.64
C LYS B 335 -23.50 -4.24 5.64
N GLU B 336 -24.03 -4.18 4.42
CA GLU B 336 -23.63 -5.13 3.39
C GLU B 336 -22.16 -4.99 3.11
N GLN B 337 -21.69 -3.74 3.11
CA GLN B 337 -20.30 -3.47 2.85
C GLN B 337 -19.40 -4.04 3.93
N LEU B 338 -19.70 -3.73 5.18
CA LEU B 338 -18.91 -4.21 6.31
C LEU B 338 -18.93 -5.74 6.40
N LYS B 339 -20.12 -6.32 6.27
CA LYS B 339 -20.27 -7.76 6.34
C LYS B 339 -19.48 -8.43 5.23
N GLY B 340 -19.62 -7.93 4.00
CA GLY B 340 -18.91 -8.50 2.88
C GLY B 340 -17.41 -8.27 2.96
N SER B 341 -17.02 -7.12 3.48
CA SER B 341 -15.62 -6.80 3.63
C SER B 341 -14.99 -7.77 4.64
N LEU B 342 -15.69 -8.00 5.75
CA LEU B 342 -15.24 -8.90 6.81
C LEU B 342 -15.10 -10.33 6.31
N MET B 343 -16.06 -10.77 5.50
CA MET B 343 -16.04 -12.11 4.94
C MET B 343 -14.79 -12.37 4.11
N LEU B 344 -14.55 -11.51 3.14
CA LEU B 344 -13.41 -11.61 2.24
C LEU B 344 -12.07 -11.58 2.97
N SER B 345 -12.06 -10.95 4.14
CA SER B 345 -10.82 -10.84 4.92
C SER B 345 -10.50 -12.15 5.61
N LEU B 346 -11.52 -12.92 5.94
CA LEU B 346 -11.31 -14.20 6.62
C LEU B 346 -10.38 -15.13 5.84
N GLU B 347 -10.30 -14.94 4.53
CA GLU B 347 -9.46 -15.78 3.71
C GLU B 347 -7.98 -15.58 3.99
N SER B 348 -7.60 -14.40 4.46
CA SER B 348 -6.20 -14.07 4.76
C SER B 348 -5.74 -14.48 6.17
N THR B 349 -4.55 -15.07 6.27
CA THR B 349 -4.03 -15.47 7.58
C THR B 349 -3.55 -14.25 8.35
N ASN B 350 -2.81 -13.37 7.67
CA ASN B 350 -2.30 -12.16 8.30
C ASN B 350 -3.46 -11.30 8.76
N SER B 351 -4.62 -11.51 8.13
CA SER B 351 -5.82 -10.76 8.44
C SER B 351 -6.48 -11.21 9.74
N ARG B 352 -6.51 -12.52 9.95
CA ARG B 352 -7.11 -13.07 11.15
C ARG B 352 -6.18 -12.90 12.34
N MET B 353 -4.88 -13.04 12.08
CA MET B 353 -3.89 -12.89 13.14
C MET B 353 -3.91 -11.47 13.70
N SER B 354 -3.78 -10.47 12.84
CA SER B 354 -3.79 -9.08 13.28
C SER B 354 -5.10 -8.68 13.96
N ARG B 355 -6.21 -9.29 13.55
CA ARG B 355 -7.49 -8.97 14.17
C ARG B 355 -7.55 -9.49 15.61
N ASN B 356 -7.26 -10.77 15.78
CA ASN B 356 -7.27 -11.41 17.09
C ASN B 356 -6.27 -10.79 18.05
N GLY B 357 -5.03 -10.61 17.58
CA GLY B 357 -4.00 -10.04 18.42
C GLY B 357 -4.40 -8.66 18.93
N LYS B 358 -4.87 -7.83 18.02
CA LYS B 358 -5.29 -6.47 18.31
C LYS B 358 -6.52 -6.46 19.24
N ASN B 359 -7.46 -7.38 19.03
CA ASN B 359 -8.64 -7.42 19.88
C ASN B 359 -8.27 -7.79 21.29
N GLU B 360 -7.53 -8.89 21.43
CA GLU B 360 -7.09 -9.36 22.73
C GLU B 360 -6.36 -8.26 23.47
N LEU B 361 -5.39 -7.67 22.79
CA LEU B 361 -4.57 -6.61 23.35
C LEU B 361 -5.32 -5.34 23.76
N LEU B 362 -6.37 -4.98 23.02
CA LEU B 362 -7.11 -3.75 23.32
C LEU B 362 -8.51 -3.90 23.91
N LEU B 363 -9.20 -4.98 23.53
CA LEU B 363 -10.56 -5.23 24.00
C LEU B 363 -10.62 -6.46 24.90
N LYS B 364 -9.63 -7.33 24.76
CA LYS B 364 -9.55 -8.56 25.53
C LYS B 364 -10.64 -9.56 25.17
N LYS B 365 -11.65 -9.11 24.43
CA LYS B 365 -12.73 -10.00 24.03
C LYS B 365 -12.69 -10.34 22.54
N HIS B 366 -13.21 -11.52 22.21
CA HIS B 366 -13.26 -11.99 20.83
C HIS B 366 -14.70 -12.42 20.48
N ARG B 367 -15.03 -12.34 19.20
CA ARG B 367 -16.35 -12.71 18.74
C ARG B 367 -16.24 -13.56 17.49
N SER B 368 -17.04 -14.62 17.40
CA SER B 368 -17.01 -15.47 16.23
C SER B 368 -17.58 -14.67 15.07
N LEU B 369 -17.46 -15.17 13.85
CA LEU B 369 -17.96 -14.47 12.68
C LEU B 369 -19.43 -14.13 12.82
N ASP B 370 -20.21 -15.07 13.34
CA ASP B 370 -21.64 -14.84 13.51
C ASP B 370 -21.91 -13.78 14.54
N GLU B 371 -21.07 -13.71 15.56
CA GLU B 371 -21.24 -12.69 16.58
C GLU B 371 -20.93 -11.31 15.99
N MET B 372 -19.95 -11.26 15.11
CA MET B 372 -19.55 -10.01 14.48
C MET B 372 -20.60 -9.49 13.51
N ILE B 373 -21.19 -10.41 12.74
CA ILE B 373 -22.22 -10.08 11.76
C ILE B 373 -23.50 -9.57 12.43
N GLU B 374 -23.81 -10.13 13.59
CA GLU B 374 -24.99 -9.71 14.33
C GLU B 374 -24.81 -8.27 14.80
N GLN B 375 -23.66 -8.00 15.42
CA GLN B 375 -23.35 -6.67 15.91
C GLN B 375 -23.52 -5.64 14.81
N ILE B 376 -23.10 -5.98 13.60
CA ILE B 376 -23.21 -5.10 12.46
C ILE B 376 -24.69 -4.90 12.08
N ASN B 377 -25.45 -5.98 12.13
CA ASN B 377 -26.87 -5.93 11.80
C ASN B 377 -27.65 -5.09 12.83
N ALA B 378 -27.49 -5.44 14.10
CA ALA B 378 -28.16 -4.77 15.20
C ALA B 378 -28.22 -3.22 15.16
N VAL B 379 -27.24 -2.60 14.51
CA VAL B 379 -27.20 -1.14 14.42
C VAL B 379 -28.44 -0.56 13.75
N GLN B 380 -29.01 0.48 14.37
CA GLN B 380 -30.20 1.15 13.84
C GLN B 380 -29.91 2.52 13.25
N LYS B 381 -30.66 2.89 12.22
CA LYS B 381 -30.48 4.18 11.57
C LYS B 381 -30.57 5.27 12.61
N GLN B 382 -31.41 5.03 13.62
CA GLN B 382 -31.61 5.99 14.70
C GLN B 382 -30.23 6.24 15.32
N ASP B 383 -29.60 5.16 15.77
CA ASP B 383 -28.29 5.22 16.39
C ASP B 383 -27.28 6.03 15.58
N VAL B 384 -27.03 5.58 14.35
CA VAL B 384 -26.06 6.24 13.49
C VAL B 384 -26.36 7.72 13.32
N SER B 385 -27.57 8.06 12.87
CA SER B 385 -27.95 9.45 12.67
C SER B 385 -27.80 10.33 13.91
N ARG B 386 -28.04 9.72 15.07
CA ARG B 386 -27.93 10.40 16.36
C ARG B 386 -26.47 10.77 16.55
N LEU B 387 -25.61 9.74 16.51
CA LEU B 387 -24.17 9.89 16.66
C LEU B 387 -23.63 10.99 15.73
N ALA B 388 -24.06 10.94 14.48
CA ALA B 388 -23.65 11.91 13.45
C ALA B 388 -23.86 13.35 13.89
N LYS B 389 -24.92 13.58 14.66
CA LYS B 389 -25.25 14.92 15.15
C LYS B 389 -24.35 15.32 16.30
N ILE B 390 -24.15 14.38 17.22
CA ILE B 390 -23.30 14.63 18.38
C ILE B 390 -21.88 14.96 17.93
N LEU B 391 -21.26 14.03 17.19
CA LEU B 391 -19.88 14.19 16.72
C LEU B 391 -19.62 15.26 15.65
N LEU B 392 -20.38 15.24 14.56
CA LEU B 392 -20.17 16.20 13.49
C LEU B 392 -20.74 17.59 13.72
N SER B 393 -21.17 17.86 14.95
CA SER B 393 -21.71 19.18 15.23
C SER B 393 -20.75 19.90 16.15
N ALA B 394 -19.55 19.32 16.30
CA ALA B 394 -18.52 19.89 17.15
C ALA B 394 -17.55 20.71 16.32
N SER B 395 -16.83 21.64 16.96
CA SER B 395 -15.85 22.45 16.24
C SER B 395 -14.70 21.49 15.97
N PRO B 396 -14.31 21.33 14.71
CA PRO B 396 -13.23 20.41 14.37
C PRO B 396 -11.84 21.05 14.48
N SER B 397 -10.82 20.20 14.49
CA SER B 397 -9.44 20.63 14.53
C SER B 397 -9.00 20.66 13.07
N ILE B 398 -8.02 21.49 12.74
CA ILE B 398 -7.57 21.60 11.36
C ILE B 398 -6.05 21.55 11.23
N SER B 399 -5.57 20.75 10.30
CA SER B 399 -4.15 20.70 10.02
C SER B 399 -4.13 20.99 8.51
N LEU B 400 -3.29 21.92 8.10
CA LEU B 400 -3.25 22.30 6.70
C LEU B 400 -1.84 22.58 6.19
N ILE B 401 -1.56 22.11 4.99
CA ILE B 401 -0.26 22.35 4.38
C ILE B 401 -0.55 22.98 3.03
N ASN B 402 0.01 24.17 2.78
CA ASN B 402 -0.17 24.86 1.51
C ASN B 402 1.00 25.75 1.14
N ALA B 403 0.95 26.28 -0.08
CA ALA B 403 1.99 27.14 -0.62
C ALA B 403 2.33 28.36 0.22
N ASN B 404 1.31 29.07 0.69
CA ASN B 404 1.55 30.26 1.51
C ASN B 404 1.69 30.01 3.01
N GLY B 405 1.11 28.93 3.50
CA GLY B 405 1.21 28.62 4.90
C GLY B 405 0.27 29.42 5.77
N GLU B 406 -0.75 30.01 5.15
CA GLU B 406 -1.74 30.79 5.89
C GLU B 406 -3.10 30.12 5.76
N LEU B 407 -3.92 30.26 6.79
CA LEU B 407 -5.26 29.68 6.81
C LEU B 407 -6.17 30.31 5.77
N PRO B 408 -7.13 29.54 5.25
CA PRO B 408 -8.03 30.12 4.25
C PRO B 408 -9.09 30.97 4.93
N LYS B 409 -9.65 31.91 4.18
CA LYS B 409 -10.68 32.79 4.68
C LYS B 409 -11.89 31.94 4.99
N ALA B 410 -12.14 30.98 4.12
CA ALA B 410 -13.26 30.05 4.24
C ALA B 410 -13.21 29.26 5.53
N LEU B 411 -12.08 29.29 6.22
CA LEU B 411 -11.95 28.55 7.46
C LEU B 411 -12.38 29.41 8.64
N ILE B 412 -13.70 29.67 8.73
CA ILE B 412 -14.27 30.46 9.81
C ILE B 412 -15.65 29.92 10.25
N HIS B 413 -16.71 30.41 9.63
CA HIS B 413 -18.07 29.97 9.96
C HIS B 413 -18.15 28.44 10.04
N LEU B 414 -18.59 27.93 11.20
CA LEU B 414 -18.69 26.48 11.39
C LEU B 414 -19.34 26.12 12.74
N GLU B 415 -20.66 26.24 12.83
CA GLU B 415 -21.37 25.91 14.07
C GLU B 415 -22.39 24.80 13.84
N ALA C 4 4.38 -14.27 -13.09
CA ALA C 4 5.14 -13.14 -12.47
C ALA C 4 4.24 -11.96 -12.18
N ALA C 5 4.83 -10.88 -11.66
CA ALA C 5 4.09 -9.67 -11.34
C ALA C 5 4.83 -8.44 -11.89
N ALA C 6 4.06 -7.44 -12.32
CA ALA C 6 4.65 -6.22 -12.87
C ALA C 6 4.36 -5.01 -12.01
N ALA C 7 4.71 -5.08 -10.73
CA ALA C 7 4.50 -3.99 -9.79
C ALA C 7 5.70 -3.04 -9.78
N ALA C 8 5.52 -1.87 -10.40
CA ALA C 8 6.58 -0.87 -10.50
C ALA C 8 6.96 -0.28 -9.15
N ALA C 9 6.81 1.04 -9.03
CA ALA C 9 7.14 1.76 -7.81
C ALA C 9 5.89 2.23 -7.08
N ALA C 10 5.94 3.44 -6.53
CA ALA C 10 4.80 3.99 -5.80
C ALA C 10 3.58 4.12 -6.71
N ALA C 11 2.44 3.60 -6.24
CA ALA C 11 1.20 3.65 -7.00
C ALA C 11 0.77 5.09 -7.29
N ALA C 12 0.16 5.29 -8.46
CA ALA C 12 -0.30 6.61 -8.87
C ALA C 12 -1.10 6.48 -10.18
N ALA C 13 -1.79 5.37 -10.35
CA ALA C 13 -2.58 5.11 -11.55
C ALA C 13 -3.85 4.33 -11.24
N ALA C 14 -4.16 4.21 -9.95
CA ALA C 14 -5.34 3.48 -9.51
C ALA C 14 -6.62 4.28 -9.79
N ALA C 15 -7.74 3.76 -9.28
CA ALA C 15 -9.04 4.39 -9.47
C ALA C 15 -9.27 5.54 -8.51
N ALA C 16 -9.51 5.22 -7.25
CA ALA C 16 -9.75 6.23 -6.23
C ALA C 16 -8.74 6.19 -5.10
N ALA C 17 -8.86 7.14 -4.18
CA ALA C 17 -7.98 7.24 -3.03
C ALA C 17 -8.29 6.12 -2.03
N ALA D 1 -3.96 -8.62 -3.44
CA ALA D 1 -3.50 -9.77 -2.62
C ALA D 1 -4.43 -9.95 -1.42
N ALA D 2 -4.01 -10.77 -0.46
CA ALA D 2 -4.79 -11.03 0.73
C ALA D 2 -4.04 -10.62 2.00
N ALA D 3 -2.82 -11.13 2.16
CA ALA D 3 -1.99 -10.82 3.31
C ALA D 3 -2.20 -9.38 3.76
N ALA D 4 -2.99 -9.20 4.81
CA ALA D 4 -3.29 -7.88 5.35
C ALA D 4 -2.48 -7.59 6.62
N ALA D 5 -2.10 -6.32 6.79
CA ALA D 5 -1.33 -5.88 7.94
C ALA D 5 -2.24 -5.21 8.97
N ALA D 6 -1.85 -4.01 9.41
CA ALA D 6 -2.65 -3.28 10.39
C ALA D 6 -2.16 -1.84 10.55
N ALA D 7 -2.07 -1.12 9.44
CA ALA D 7 -1.62 0.27 9.48
C ALA D 7 -2.80 1.24 9.67
N ALA D 8 -2.53 2.53 9.56
CA ALA D 8 -3.56 3.55 9.73
C ALA D 8 -3.87 4.26 8.41
N ALA D 9 -4.00 5.58 8.47
CA ALA D 9 -4.32 6.36 7.28
C ALA D 9 -3.13 7.05 6.62
N ALA D 10 -2.17 7.49 7.43
CA ALA D 10 -0.99 8.16 6.90
C ALA D 10 0.07 8.54 7.94
N ALA D 11 1.09 7.70 8.06
CA ALA D 11 2.20 7.92 9.00
C ALA D 11 3.11 6.69 9.06
N ALA D 12 4.10 6.64 8.17
CA ALA D 12 5.03 5.52 8.13
C ALA D 12 5.61 5.24 9.50
N ALA D 13 5.82 3.96 9.80
CA ALA D 13 6.37 3.54 11.08
C ALA D 13 6.69 2.04 11.06
N ALA D 14 7.39 1.60 10.03
CA ALA D 14 7.75 0.19 9.90
C ALA D 14 9.21 0.00 9.47
N ALA D 15 9.55 -1.24 9.11
CA ALA D 15 10.90 -1.57 8.67
C ALA D 15 11.14 -0.93 7.30
N ALA D 16 10.24 -1.22 6.36
CA ALA D 16 10.33 -0.68 5.02
C ALA D 16 8.96 -0.73 4.36
N ALA D 17 7.95 -0.28 5.10
CA ALA D 17 6.58 -0.28 4.61
C ALA D 17 5.83 0.95 5.12
#